data_9JI7
#
_entry.id   9JI7
#
_cell.length_a   87.275
_cell.length_b   87.275
_cell.length_c   226.042
_cell.angle_alpha   90.00
_cell.angle_beta   90.00
_cell.angle_gamma   90.00
#
_symmetry.space_group_name_H-M   'P 41 21 2'
#
loop_
_entity.id
_entity.type
_entity.pdbx_description
1 polymer 'NADP-dependent oxidoreductase'
2 non-polymer (1Z,3E,5E,7S,8R,9S,10S,11R,13R,15S,16Z,18E,24S)-11-ethyl-2,7-dihydroxy-10-methyl-21,25-diazatetracyclo[22.2.1.08,15.09,13]heptacosa-1,3,5,16,18-pentaene-20,26,27-trione
3 non-polymer 'NADP NICOTINAMIDE-ADENINE-DINUCLEOTIDE PHOSPHATE'
4 water water
#
_entity_poly.entity_id   1
_entity_poly.type   'polypeptide(L)'
_entity_poly.pdbx_seq_one_letter_code
;LGSMKTERWVVREHVEGVPDAARIYEKVETELNTRLGEEQMLLKTLYVSVDPYLQGICLDTPIGDHMGADSIMQVLDAGP
NAPFRPGDLVQGFGGWRTHLVSDGKPKLWQTGTFPMVFPAYRKLDLRHYDDALPLSTALGVMGGPGMTAWGTMTKFMQVR
PGDTVVVSGASGMIGTLVGQMAKRAGARVVGTAGSAGKARYLSQLGFDAVIDYKLADDADKMREALREAAPDGVDKYFDS
IGGSVTDAVFSMLNVGSQVAVCWQWATQVQRDYHGPRLLPYIMFPRATIRGIFSLEWFTEQNWSALHEELGGLVRRQELV
AHETVQDGFEHIPAAYQTLFSASESNRGKVLVRV
;
_entity_poly.pdbx_strand_id   A,B
#
# COMPACT_ATOMS: atom_id res chain seq x y z
N LEU A 1 -6.07 -43.29 -34.56
CA LEU A 1 -6.08 -42.11 -35.43
C LEU A 1 -4.68 -41.68 -35.92
N GLY A 2 -4.19 -40.49 -35.54
CA GLY A 2 -2.92 -40.01 -36.06
C GLY A 2 -2.08 -39.03 -35.27
N SER A 3 -1.13 -38.38 -35.94
CA SER A 3 -0.22 -37.48 -35.26
C SER A 3 0.36 -36.44 -36.19
N MET A 4 1.02 -35.44 -35.63
CA MET A 4 1.62 -34.42 -36.45
C MET A 4 2.96 -34.02 -35.89
N LYS A 5 3.79 -33.45 -36.73
CA LYS A 5 5.07 -33.02 -36.30
C LYS A 5 4.99 -31.56 -35.87
N THR A 6 5.56 -31.26 -34.72
CA THR A 6 5.51 -29.91 -34.22
C THR A 6 6.85 -29.49 -33.70
N GLU A 7 7.09 -28.20 -33.59
CA GLU A 7 8.30 -27.72 -32.97
C GLU A 7 7.98 -26.99 -31.68
N ARG A 8 8.86 -27.12 -30.69
CA ARG A 8 8.68 -26.51 -29.40
C ARG A 8 9.99 -25.93 -28.92
N TRP A 9 9.93 -24.80 -28.25
CA TRP A 9 11.06 -24.32 -27.46
C TRP A 9 10.86 -24.79 -26.02
N VAL A 10 11.88 -25.43 -25.47
CA VAL A 10 11.77 -26.05 -24.15
C VAL A 10 12.85 -25.49 -23.25
N VAL A 11 12.61 -25.62 -21.95
CA VAL A 11 13.51 -25.07 -20.95
C VAL A 11 14.65 -26.05 -20.72
N ARG A 12 15.83 -25.70 -21.24
CA ARG A 12 17.03 -26.53 -21.07
C ARG A 12 17.65 -26.34 -19.69
N GLU A 13 17.77 -25.10 -19.22
CA GLU A 13 18.56 -24.83 -18.03
C GLU A 13 18.02 -23.60 -17.30
N HIS A 14 18.05 -23.65 -15.97
CA HIS A 14 17.61 -22.55 -15.12
C HIS A 14 18.77 -21.63 -14.78
N VAL A 15 18.66 -20.35 -15.15
CA VAL A 15 19.67 -19.35 -14.81
C VAL A 15 18.95 -18.08 -14.36
N GLU A 16 19.19 -17.66 -13.12
CA GLU A 16 18.55 -16.47 -12.58
C GLU A 16 19.15 -15.20 -13.20
N GLY A 17 18.60 -14.07 -12.78
CA GLY A 17 19.08 -12.79 -13.25
C GLY A 17 18.62 -12.54 -14.67
N VAL A 18 19.45 -11.80 -15.41
CA VAL A 18 19.12 -11.52 -16.81
C VAL A 18 19.23 -12.83 -17.56
N PRO A 19 18.19 -13.29 -18.23
CA PRO A 19 18.27 -14.60 -18.88
C PRO A 19 19.11 -14.53 -20.16
N ASP A 20 19.71 -15.69 -20.47
CA ASP A 20 20.45 -15.90 -21.70
C ASP A 20 19.59 -16.84 -22.55
N ALA A 21 18.96 -16.28 -23.58
CA ALA A 21 18.00 -17.05 -24.36
C ALA A 21 18.67 -18.20 -25.10
N ALA A 22 19.86 -17.95 -25.67
CA ALA A 22 20.57 -19.00 -26.38
C ALA A 22 20.92 -20.18 -25.47
N ARG A 23 21.11 -19.93 -24.18
CA ARG A 23 21.52 -20.96 -23.26
C ARG A 23 20.34 -21.68 -22.59
N ILE A 24 19.26 -20.96 -22.31
CA ILE A 24 18.15 -21.52 -21.52
C ILE A 24 17.20 -22.33 -22.40
N TYR A 25 17.10 -22.01 -23.68
CA TYR A 25 16.06 -22.57 -24.54
C TYR A 25 16.65 -23.42 -25.67
N GLU A 26 15.89 -24.44 -26.04
CA GLU A 26 16.31 -25.40 -27.07
C GLU A 26 15.09 -25.75 -27.92
N LYS A 27 15.25 -25.72 -29.25
CA LYS A 27 14.16 -26.02 -30.16
C LYS A 27 14.16 -27.50 -30.50
N VAL A 28 13.15 -28.21 -30.02
CA VAL A 28 13.03 -29.62 -30.28
C VAL A 28 11.88 -29.94 -31.22
N GLU A 29 11.95 -31.06 -31.92
CA GLU A 29 10.86 -31.48 -32.78
C GLU A 29 10.00 -32.44 -31.99
N THR A 30 8.70 -32.29 -32.06
CA THR A 30 7.82 -33.09 -31.24
C THR A 30 6.62 -33.63 -32.00
N GLU A 31 6.24 -34.85 -31.70
CA GLU A 31 5.13 -35.46 -32.37
C GLU A 31 3.92 -35.28 -31.54
N LEU A 32 2.90 -34.71 -32.14
CA LEU A 32 1.71 -34.42 -31.38
C LEU A 32 0.62 -35.32 -31.78
N ASN A 33 0.01 -35.93 -30.80
CA ASN A 33 -1.14 -36.76 -31.07
C ASN A 33 -2.34 -35.91 -31.41
N THR A 34 -2.99 -36.21 -32.54
CA THR A 34 -4.13 -35.43 -32.98
C THR A 34 -5.48 -36.07 -32.61
N ARG A 35 -5.49 -37.05 -31.71
CA ARG A 35 -6.73 -37.60 -31.18
C ARG A 35 -7.33 -36.65 -30.16
N LEU A 36 -8.57 -36.26 -30.34
CA LEU A 36 -9.19 -35.21 -29.55
C LEU A 36 -10.28 -35.76 -28.64
N GLY A 37 -10.17 -35.47 -27.35
CA GLY A 37 -11.28 -35.66 -26.43
C GLY A 37 -12.47 -34.81 -26.82
N GLU A 38 -13.59 -35.09 -26.14
CA GLU A 38 -14.87 -34.48 -26.52
C GLU A 38 -14.84 -32.96 -26.52
N GLU A 39 -13.99 -32.35 -25.67
CA GLU A 39 -13.94 -30.89 -25.57
C GLU A 39 -12.58 -30.31 -25.93
N GLN A 40 -11.66 -31.13 -26.44
CA GLN A 40 -10.34 -30.64 -26.77
C GLN A 40 -10.31 -30.01 -28.17
N MET A 41 -9.24 -29.23 -28.40
CA MET A 41 -9.00 -28.59 -29.68
C MET A 41 -7.56 -28.83 -30.12
N LEU A 42 -7.36 -28.90 -31.44
CA LEU A 42 -6.02 -28.91 -32.01
C LEU A 42 -5.74 -27.53 -32.57
N LEU A 43 -4.71 -26.87 -32.04
CA LEU A 43 -4.48 -25.46 -32.30
C LEU A 43 -3.15 -25.25 -33.00
N LYS A 44 -3.15 -24.30 -33.94
CA LYS A 44 -1.94 -23.79 -34.56
C LYS A 44 -1.67 -22.38 -34.03
N THR A 45 -0.39 -22.12 -33.71
CA THR A 45 0.03 -20.85 -33.15
C THR A 45 0.31 -19.86 -34.28
N LEU A 46 -0.37 -18.71 -34.25
CA LEU A 46 -0.12 -17.66 -35.23
C LEU A 46 0.83 -16.58 -34.73
N TYR A 47 0.71 -16.15 -33.46
CA TYR A 47 1.56 -15.12 -32.85
C TYR A 47 1.87 -15.53 -31.42
N VAL A 48 3.06 -15.14 -30.96
CA VAL A 48 3.53 -15.44 -29.61
C VAL A 48 4.04 -14.16 -28.98
N SER A 49 3.76 -13.98 -27.69
CA SER A 49 4.26 -12.84 -26.93
C SER A 49 5.58 -13.19 -26.26
N VAL A 50 6.45 -12.20 -26.12
CA VAL A 50 7.60 -12.27 -25.22
C VAL A 50 7.48 -11.11 -24.23
N ASP A 51 7.66 -11.43 -22.95
CA ASP A 51 7.43 -10.49 -21.88
C ASP A 51 8.45 -10.74 -20.78
N PRO A 52 8.79 -9.70 -20.01
CA PRO A 52 9.75 -9.91 -18.89
C PRO A 52 9.28 -10.92 -17.85
N TYR A 53 7.98 -10.95 -17.51
CA TYR A 53 7.48 -11.90 -16.52
C TYR A 53 7.73 -13.35 -16.91
N LEU A 54 8.14 -13.61 -18.15
CA LEU A 54 8.55 -14.95 -18.55
C LEU A 54 9.85 -15.37 -17.88
N GLN A 55 10.69 -14.41 -17.46
CA GLN A 55 11.87 -14.73 -16.68
C GLN A 55 11.51 -15.53 -15.43
N GLY A 56 10.44 -15.13 -14.74
CA GLY A 56 10.04 -15.84 -13.54
C GLY A 56 9.28 -17.12 -13.82
N ILE A 57 8.48 -17.13 -14.89
CA ILE A 57 7.76 -18.34 -15.30
C ILE A 57 8.75 -19.43 -15.64
N CYS A 58 9.76 -19.09 -16.45
CA CYS A 58 10.78 -20.03 -16.87
C CYS A 58 11.43 -20.74 -15.68
N LEU A 59 11.91 -19.98 -14.69
CA LEU A 59 12.54 -20.56 -13.51
C LEU A 59 11.62 -21.50 -12.75
N ASP A 60 10.32 -21.47 -13.01
CA ASP A 60 9.36 -22.36 -12.39
C ASP A 60 8.90 -23.46 -13.34
N THR A 61 9.49 -23.52 -14.53
CA THR A 61 9.12 -24.51 -15.52
C THR A 61 10.01 -25.73 -15.37
N PRO A 62 9.47 -26.92 -15.08
CA PRO A 62 10.29 -28.13 -15.07
C PRO A 62 11.16 -28.22 -16.31
N ILE A 63 12.44 -28.52 -16.10
CA ILE A 63 13.38 -28.70 -17.20
C ILE A 63 12.81 -29.69 -18.21
N GLY A 64 12.98 -29.38 -19.49
CA GLY A 64 12.43 -30.19 -20.55
C GLY A 64 11.05 -29.77 -21.02
N ASP A 65 10.24 -29.19 -20.13
CA ASP A 65 8.91 -28.72 -20.54
C ASP A 65 9.02 -27.51 -21.46
N HIS A 66 7.90 -27.19 -22.11
CA HIS A 66 7.89 -26.10 -23.07
C HIS A 66 7.79 -24.77 -22.33
N MET A 67 8.31 -23.72 -22.97
CA MET A 67 8.21 -22.38 -22.40
C MET A 67 6.79 -21.85 -22.58
N GLY A 68 6.11 -21.60 -21.46
CA GLY A 68 4.79 -21.01 -21.51
C GLY A 68 4.83 -19.55 -21.91
N ALA A 69 3.71 -19.09 -22.49
CA ALA A 69 3.59 -17.72 -22.99
C ALA A 69 2.22 -17.42 -23.56
N ASP A 70 1.85 -16.15 -23.53
CA ASP A 70 0.64 -15.67 -24.18
C ASP A 70 0.76 -15.82 -25.71
N SER A 71 -0.33 -16.22 -26.35
CA SER A 71 -0.24 -16.45 -27.79
C SER A 71 -1.62 -16.35 -28.43
N ILE A 72 -1.62 -16.28 -29.77
CA ILE A 72 -2.83 -16.31 -30.58
C ILE A 72 -2.81 -17.59 -31.39
N MET A 73 -3.90 -18.35 -31.30
CA MET A 73 -3.99 -19.67 -31.91
C MET A 73 -5.21 -19.76 -32.81
N GLN A 74 -5.12 -20.63 -33.82
CA GLN A 74 -6.28 -20.98 -34.64
C GLN A 74 -6.64 -22.45 -34.45
N VAL A 75 -7.94 -22.72 -34.35
CA VAL A 75 -8.43 -24.08 -34.19
C VAL A 75 -8.37 -24.79 -35.55
N LEU A 76 -7.59 -25.87 -35.60
CA LEU A 76 -7.54 -26.71 -36.79
C LEU A 76 -8.62 -27.78 -36.73
N ASP A 77 -8.86 -28.30 -35.53
CA ASP A 77 -9.80 -29.40 -35.35
C ASP A 77 -10.27 -29.36 -33.91
N ALA A 78 -11.44 -29.94 -33.67
CA ALA A 78 -12.10 -29.82 -32.37
C ALA A 78 -13.06 -30.98 -32.14
N GLY A 79 -13.00 -31.54 -30.94
CA GLY A 79 -13.97 -32.53 -30.50
C GLY A 79 -15.38 -31.97 -30.43
N PRO A 80 -16.35 -32.86 -30.24
CA PRO A 80 -17.75 -32.45 -30.40
C PRO A 80 -18.21 -31.36 -29.45
N ASN A 81 -17.70 -31.31 -28.22
CA ASN A 81 -18.13 -30.31 -27.25
C ASN A 81 -17.01 -29.30 -26.95
N ALA A 82 -16.15 -29.06 -27.93
CA ALA A 82 -15.12 -28.04 -27.77
C ALA A 82 -15.77 -26.67 -27.73
N PRO A 83 -15.23 -25.75 -26.94
CA PRO A 83 -15.84 -24.42 -26.84
C PRO A 83 -15.75 -23.64 -28.14
N PHE A 84 -14.81 -23.94 -29.02
CA PHE A 84 -14.67 -23.21 -30.28
C PHE A 84 -14.57 -24.19 -31.44
N ARG A 85 -14.87 -23.69 -32.68
CA ARG A 85 -14.92 -24.51 -33.89
C ARG A 85 -13.69 -24.29 -34.75
N PRO A 86 -13.39 -25.20 -35.67
CA PRO A 86 -12.26 -24.97 -36.59
C PRO A 86 -12.39 -23.63 -37.30
N GLY A 87 -11.26 -22.95 -37.44
CA GLY A 87 -11.21 -21.59 -37.92
C GLY A 87 -11.27 -20.54 -36.83
N ASP A 88 -11.84 -20.86 -35.68
CA ASP A 88 -11.93 -19.88 -34.59
C ASP A 88 -10.54 -19.49 -34.11
N LEU A 89 -10.37 -18.19 -33.87
CA LEU A 89 -9.17 -17.65 -33.24
C LEU A 89 -9.38 -17.51 -31.75
N VAL A 90 -8.37 -17.90 -30.96
CA VAL A 90 -8.41 -17.75 -29.52
C VAL A 90 -7.10 -17.14 -29.05
N GLN A 91 -7.17 -16.45 -27.91
CA GLN A 91 -6.00 -16.00 -27.19
C GLN A 91 -5.91 -16.75 -25.85
N GLY A 92 -4.71 -17.18 -25.49
CA GLY A 92 -4.48 -17.91 -24.27
C GLY A 92 -2.99 -18.20 -24.10
N PHE A 93 -2.68 -18.88 -23.00
CA PHE A 93 -1.28 -19.15 -22.64
C PHE A 93 -0.80 -20.43 -23.33
N GLY A 94 -0.70 -20.36 -24.65
CA GLY A 94 -0.37 -21.53 -25.43
C GLY A 94 1.09 -21.88 -25.48
N GLY A 95 1.98 -20.91 -25.21
CA GLY A 95 3.41 -21.18 -25.12
C GLY A 95 4.13 -21.19 -26.46
N TRP A 96 5.44 -21.39 -26.36
CA TRP A 96 6.36 -21.34 -27.51
C TRP A 96 6.35 -22.69 -28.25
N ARG A 97 5.20 -22.95 -28.88
CA ARG A 97 4.93 -24.20 -29.59
C ARG A 97 4.20 -23.86 -30.87
N THR A 98 4.55 -24.56 -31.96
CA THR A 98 3.88 -24.34 -33.23
C THR A 98 2.44 -24.87 -33.20
N HIS A 99 2.22 -25.99 -32.51
CA HIS A 99 0.91 -26.63 -32.43
C HIS A 99 0.74 -27.21 -31.04
N LEU A 100 -0.51 -27.41 -30.64
CA LEU A 100 -0.79 -27.95 -29.32
C LEU A 100 -2.25 -28.39 -29.26
N VAL A 101 -2.54 -29.23 -28.27
CA VAL A 101 -3.88 -29.71 -27.98
C VAL A 101 -4.25 -29.19 -26.62
N SER A 102 -5.51 -28.78 -26.45
CA SER A 102 -5.98 -28.20 -25.20
C SER A 102 -7.48 -28.03 -25.30
N ASP A 103 -8.16 -28.12 -24.15
CA ASP A 103 -9.58 -27.83 -24.11
C ASP A 103 -9.86 -26.36 -23.78
N GLY A 104 -8.83 -25.57 -23.50
CA GLY A 104 -9.05 -24.14 -23.31
C GLY A 104 -9.71 -23.79 -21.99
N LYS A 105 -9.71 -24.70 -21.07
CA LYS A 105 -10.28 -24.51 -19.75
C LYS A 105 -9.25 -23.88 -18.81
N PRO A 106 -9.69 -23.16 -17.77
CA PRO A 106 -8.72 -22.59 -16.83
C PRO A 106 -7.84 -23.68 -16.24
N LYS A 107 -6.54 -23.44 -16.20
CA LYS A 107 -5.59 -24.40 -15.67
C LYS A 107 -4.69 -23.74 -14.63
N LEU A 108 -4.42 -24.49 -13.57
CA LEU A 108 -3.58 -23.98 -12.48
C LEU A 108 -2.12 -24.10 -12.78
N TRP A 109 -1.38 -23.09 -12.41
CA TRP A 109 0.07 -23.09 -12.63
C TRP A 109 0.71 -23.78 -11.41
N GLN A 110 0.95 -25.08 -11.56
CA GLN A 110 1.25 -25.95 -10.43
C GLN A 110 2.53 -25.54 -9.70
N THR A 111 3.60 -25.32 -10.46
CA THR A 111 4.92 -25.10 -9.87
C THR A 111 5.25 -23.63 -9.69
N GLY A 112 4.24 -22.76 -9.65
CA GLY A 112 4.48 -21.35 -9.46
C GLY A 112 4.41 -20.92 -8.00
N THR A 113 4.95 -19.73 -7.74
CA THR A 113 5.03 -19.22 -6.38
C THR A 113 3.64 -19.01 -5.76
N PHE A 114 2.64 -18.73 -6.56
CA PHE A 114 1.29 -18.50 -6.05
C PHE A 114 0.30 -19.41 -6.73
N PRO A 115 -0.86 -19.62 -6.10
CA PRO A 115 -1.90 -20.43 -6.74
C PRO A 115 -2.53 -19.72 -7.93
N MET A 116 -1.74 -19.48 -8.97
CA MET A 116 -2.23 -18.79 -10.16
C MET A 116 -2.96 -19.69 -11.13
N VAL A 117 -4.06 -19.21 -11.65
CA VAL A 117 -4.87 -19.98 -12.59
C VAL A 117 -4.87 -19.26 -13.92
N PHE A 118 -4.22 -19.86 -14.92
CA PHE A 118 -4.21 -19.31 -16.26
C PHE A 118 -5.63 -19.25 -16.80
N PRO A 119 -6.06 -18.13 -17.39
CA PRO A 119 -7.46 -18.01 -17.80
C PRO A 119 -7.85 -19.03 -18.87
N ALA A 120 -9.15 -19.31 -18.96
CA ALA A 120 -9.72 -19.98 -20.12
C ALA A 120 -9.36 -19.21 -21.38
N TYR A 121 -9.11 -19.95 -22.47
CA TYR A 121 -8.83 -19.32 -23.76
C TYR A 121 -10.00 -18.41 -24.11
N ARG A 122 -9.69 -17.32 -24.81
CA ARG A 122 -10.66 -16.27 -25.13
C ARG A 122 -10.86 -16.18 -26.62
N LYS A 123 -12.12 -16.17 -27.06
CA LYS A 123 -12.42 -16.08 -28.47
C LYS A 123 -12.15 -14.68 -28.99
N LEU A 124 -11.50 -14.59 -30.14
CA LEU A 124 -11.19 -13.32 -30.78
C LEU A 124 -12.15 -13.11 -31.95
N ASP A 125 -12.74 -11.94 -32.05
CA ASP A 125 -13.69 -11.67 -33.11
C ASP A 125 -13.11 -10.70 -34.11
N LEU A 126 -12.99 -11.14 -35.37
CA LEU A 126 -12.30 -10.35 -36.39
C LEU A 126 -12.89 -8.94 -36.53
N ARG A 127 -14.16 -8.73 -36.15
CA ARG A 127 -14.77 -7.42 -36.34
C ARG A 127 -14.06 -6.34 -35.54
N HIS A 128 -13.43 -6.70 -34.41
CA HIS A 128 -12.69 -5.76 -33.57
C HIS A 128 -11.36 -5.32 -34.16
N TYR A 129 -10.82 -6.00 -35.17
CA TYR A 129 -9.48 -5.72 -35.62
C TYR A 129 -9.52 -5.19 -37.04
N ASP A 130 -8.57 -4.32 -37.33
CA ASP A 130 -8.40 -3.79 -38.68
C ASP A 130 -6.95 -3.33 -38.81
N ASP A 131 -6.67 -2.58 -39.86
CA ASP A 131 -5.28 -2.18 -40.10
C ASP A 131 -4.74 -1.29 -38.98
N ALA A 132 -5.59 -0.46 -38.36
CA ALA A 132 -5.12 0.37 -37.27
C ALA A 132 -4.94 -0.43 -36.00
N LEU A 133 -5.82 -1.40 -35.76
CA LEU A 133 -5.77 -2.23 -34.56
C LEU A 133 -5.75 -3.70 -34.99
N PRO A 134 -4.63 -4.20 -35.51
CA PRO A 134 -4.62 -5.54 -36.11
C PRO A 134 -4.78 -6.65 -35.07
N LEU A 135 -5.02 -7.86 -35.61
CA LEU A 135 -5.28 -9.05 -34.80
C LEU A 135 -4.21 -9.27 -33.74
N SER A 136 -2.95 -9.03 -34.08
CA SER A 136 -1.89 -9.24 -33.12
C SER A 136 -2.04 -8.37 -31.87
N THR A 137 -2.83 -7.30 -31.92
CA THR A 137 -3.04 -6.49 -30.73
C THR A 137 -3.77 -7.24 -29.63
N ALA A 138 -4.31 -8.43 -29.91
CA ALA A 138 -4.84 -9.27 -28.85
C ALA A 138 -3.75 -9.75 -27.89
N LEU A 139 -2.48 -9.56 -28.24
CA LEU A 139 -1.38 -9.83 -27.35
C LEU A 139 -0.80 -8.56 -26.74
N GLY A 140 -1.30 -7.40 -27.14
CA GLY A 140 -0.76 -6.13 -26.70
C GLY A 140 -1.81 -5.21 -26.15
N VAL A 141 -2.08 -4.11 -26.88
CA VAL A 141 -2.96 -3.07 -26.37
C VAL A 141 -4.39 -3.58 -26.19
N MET A 142 -4.81 -4.53 -27.02
CA MET A 142 -6.08 -5.22 -26.82
C MET A 142 -5.89 -6.58 -26.15
N GLY A 143 -4.84 -6.69 -25.33
CA GLY A 143 -4.61 -7.92 -24.59
C GLY A 143 -4.22 -7.69 -23.15
N GLY A 144 -3.39 -8.58 -22.61
CA GLY A 144 -2.89 -8.45 -21.27
C GLY A 144 -2.39 -7.06 -20.97
N PRO A 145 -1.38 -6.60 -21.73
CA PRO A 145 -0.78 -5.28 -21.43
C PRO A 145 -1.79 -4.14 -21.43
N GLY A 146 -2.63 -4.05 -22.47
CA GLY A 146 -3.64 -3.02 -22.45
C GLY A 146 -4.57 -3.14 -21.26
N MET A 147 -4.94 -4.37 -20.90
CA MET A 147 -5.89 -4.58 -19.81
C MET A 147 -5.30 -4.15 -18.48
N THR A 148 -3.99 -4.39 -18.31
CA THR A 148 -3.27 -3.98 -17.11
C THR A 148 -3.27 -2.46 -16.96
N ALA A 149 -2.95 -1.76 -18.05
CA ALA A 149 -2.90 -0.32 -18.05
C ALA A 149 -4.29 0.26 -17.89
N TRP A 150 -5.24 -0.20 -18.72
CA TRP A 150 -6.57 0.40 -18.73
C TRP A 150 -7.34 0.08 -17.46
N GLY A 151 -7.25 -1.17 -16.98
CA GLY A 151 -7.87 -1.51 -15.71
C GLY A 151 -7.34 -0.70 -14.55
N THR A 152 -6.00 -0.56 -14.46
CA THR A 152 -5.41 0.21 -13.36
C THR A 152 -5.90 1.65 -13.38
N MET A 153 -5.88 2.28 -14.56
CA MET A 153 -6.19 3.69 -14.70
C MET A 153 -7.69 4.01 -14.64
N THR A 154 -8.57 3.00 -14.61
CA THR A 154 -9.99 3.26 -14.51
C THR A 154 -10.66 2.57 -13.33
N LYS A 155 -10.03 1.56 -12.73
CA LYS A 155 -10.56 0.85 -11.59
C LYS A 155 -9.82 1.15 -10.29
N PHE A 156 -8.70 1.85 -10.33
CA PHE A 156 -7.96 2.12 -9.10
C PHE A 156 -7.44 3.55 -9.08
N MET A 157 -6.52 3.87 -9.98
CA MET A 157 -5.96 5.20 -10.03
C MET A 157 -6.99 6.21 -10.52
N GLN A 158 -6.93 7.40 -9.95
CA GLN A 158 -7.85 8.49 -10.23
C GLN A 158 -7.01 9.72 -10.49
N VAL A 159 -6.36 9.77 -11.64
CA VAL A 159 -5.57 10.95 -11.98
C VAL A 159 -6.50 12.14 -12.18
N ARG A 160 -6.14 13.26 -11.60
CA ARG A 160 -6.81 14.54 -11.62
C ARG A 160 -5.96 15.57 -12.36
N PRO A 161 -6.55 16.59 -13.00
CA PRO A 161 -5.74 17.60 -13.68
C PRO A 161 -4.82 18.32 -12.69
N GLY A 162 -3.59 18.54 -13.11
CA GLY A 162 -2.61 19.11 -12.21
C GLY A 162 -1.78 18.12 -11.43
N ASP A 163 -2.16 16.83 -11.40
CA ASP A 163 -1.36 15.82 -10.72
C ASP A 163 -0.01 15.60 -11.41
N THR A 164 0.97 15.20 -10.61
CA THR A 164 2.22 14.65 -11.14
C THR A 164 2.20 13.12 -11.04
N VAL A 165 2.38 12.45 -12.17
CA VAL A 165 2.39 11.00 -12.24
C VAL A 165 3.77 10.54 -12.62
N VAL A 166 4.31 9.58 -11.87
CA VAL A 166 5.60 8.98 -12.16
C VAL A 166 5.32 7.57 -12.64
N VAL A 167 6.00 7.16 -13.71
CA VAL A 167 5.88 5.83 -14.29
C VAL A 167 7.28 5.30 -14.45
N SER A 168 7.65 4.28 -13.65
CA SER A 168 8.90 3.54 -13.84
C SER A 168 8.70 2.42 -14.86
N GLY A 169 9.78 2.07 -15.55
CA GLY A 169 9.65 1.12 -16.65
C GLY A 169 8.80 1.68 -17.76
N ALA A 170 8.99 2.95 -18.08
CA ALA A 170 8.03 3.68 -18.89
C ALA A 170 8.12 3.35 -20.38
N SER A 171 9.26 2.86 -20.88
CA SER A 171 9.39 2.71 -22.33
C SER A 171 8.61 1.53 -22.90
N GLY A 172 8.29 0.52 -22.10
CA GLY A 172 7.49 -0.60 -22.57
C GLY A 172 6.05 -0.19 -22.84
N MET A 173 5.26 -1.18 -23.27
CA MET A 173 3.92 -0.84 -23.72
C MET A 173 3.02 -0.41 -22.55
N ILE A 174 3.10 -1.13 -21.43
CA ILE A 174 2.25 -0.83 -20.28
C ILE A 174 2.59 0.55 -19.72
N GLY A 175 3.88 0.84 -19.59
CA GLY A 175 4.29 2.17 -19.13
C GLY A 175 3.81 3.30 -20.04
N THR A 176 3.98 3.13 -21.36
CA THR A 176 3.59 4.21 -22.27
C THR A 176 2.08 4.40 -22.31
N LEU A 177 1.32 3.31 -22.17
CA LEU A 177 -0.12 3.45 -22.09
C LEU A 177 -0.53 4.22 -20.84
N VAL A 178 0.04 3.86 -19.69
CA VAL A 178 -0.30 4.54 -18.44
C VAL A 178 0.03 6.03 -18.53
N GLY A 179 1.18 6.36 -19.10
CA GLY A 179 1.55 7.77 -19.19
C GLY A 179 0.63 8.54 -20.12
N GLN A 180 0.25 7.94 -21.25
CA GLN A 180 -0.60 8.63 -22.19
C GLN A 180 -2.01 8.83 -21.64
N MET A 181 -2.53 7.84 -20.91
CA MET A 181 -3.82 8.01 -20.23
C MET A 181 -3.73 9.08 -19.14
N ALA A 182 -2.66 9.04 -18.34
CA ALA A 182 -2.47 10.05 -17.31
C ALA A 182 -2.44 11.44 -17.92
N LYS A 183 -1.77 11.56 -19.05
CA LYS A 183 -1.70 12.83 -19.75
C LYS A 183 -3.10 13.30 -20.14
N ARG A 184 -3.89 12.38 -20.70
CA ARG A 184 -5.26 12.71 -21.07
C ARG A 184 -6.05 13.19 -19.86
N ALA A 185 -5.78 12.61 -18.70
CA ALA A 185 -6.49 13.02 -17.50
C ALA A 185 -5.93 14.31 -16.92
N GLY A 186 -4.93 14.91 -17.56
CA GLY A 186 -4.48 16.24 -17.21
C GLY A 186 -3.24 16.33 -16.36
N ALA A 187 -2.41 15.29 -16.33
CA ALA A 187 -1.31 15.18 -15.39
C ALA A 187 0.01 15.60 -16.03
N ARG A 188 0.90 16.15 -15.19
CA ARG A 188 2.32 16.09 -15.50
C ARG A 188 2.78 14.64 -15.35
N VAL A 189 3.58 14.19 -16.30
CA VAL A 189 3.95 12.77 -16.42
C VAL A 189 5.47 12.66 -16.48
N VAL A 190 6.06 11.99 -15.50
CA VAL A 190 7.49 11.74 -15.43
C VAL A 190 7.73 10.25 -15.66
N GLY A 191 8.68 9.95 -16.54
CA GLY A 191 9.02 8.56 -16.78
C GLY A 191 10.50 8.24 -16.58
N THR A 192 10.81 6.96 -16.49
CA THR A 192 12.18 6.49 -16.51
C THR A 192 12.43 5.72 -17.81
N ALA A 193 13.61 5.93 -18.39
CA ALA A 193 14.01 5.24 -19.60
C ALA A 193 15.51 4.95 -19.51
N GLY A 194 15.97 4.10 -20.42
CA GLY A 194 17.36 3.69 -20.44
C GLY A 194 18.24 4.35 -21.49
N SER A 195 17.71 5.29 -22.27
CA SER A 195 18.50 5.80 -23.37
C SER A 195 17.93 7.13 -23.86
N ALA A 196 18.83 7.97 -24.36
CA ALA A 196 18.44 9.28 -24.87
C ALA A 196 17.40 9.15 -25.98
N GLY A 197 17.52 8.12 -26.82
CA GLY A 197 16.50 7.92 -27.84
C GLY A 197 15.19 7.45 -27.25
N LYS A 198 15.25 6.46 -26.35
CA LYS A 198 14.04 6.02 -25.66
C LYS A 198 13.43 7.17 -24.86
N ALA A 199 14.28 7.99 -24.24
CA ALA A 199 13.78 9.16 -23.53
C ALA A 199 13.14 10.15 -24.49
N ARG A 200 13.71 10.31 -25.70
CA ARG A 200 13.10 11.20 -26.68
C ARG A 200 11.82 10.60 -27.22
N TYR A 201 11.77 9.28 -27.34
CA TYR A 201 10.57 8.60 -27.80
C TYR A 201 9.42 8.79 -26.81
N LEU A 202 9.70 8.68 -25.51
CA LEU A 202 8.68 8.98 -24.49
C LEU A 202 8.28 10.45 -24.50
N SER A 203 9.22 11.34 -24.83
CA SER A 203 8.83 12.74 -24.97
C SER A 203 7.89 12.95 -26.16
N GLN A 204 8.06 12.16 -27.23
CA GLN A 204 7.12 12.23 -28.35
C GLN A 204 5.74 11.71 -27.96
N LEU A 205 5.68 10.65 -27.16
CA LEU A 205 4.39 10.16 -26.65
C LEU A 205 3.78 11.10 -25.62
N GLY A 206 4.49 12.16 -25.22
CA GLY A 206 3.92 13.19 -24.37
C GLY A 206 4.40 13.18 -22.94
N PHE A 207 5.39 12.38 -22.56
CA PHE A 207 5.98 12.51 -21.24
C PHE A 207 6.58 13.91 -21.07
N ASP A 208 6.38 14.51 -19.92
CA ASP A 208 6.88 15.86 -19.70
C ASP A 208 8.34 15.86 -19.25
N ALA A 209 8.79 14.78 -18.65
CA ALA A 209 10.17 14.65 -18.21
C ALA A 209 10.48 13.17 -18.17
N VAL A 210 11.70 12.82 -18.53
CA VAL A 210 12.14 11.44 -18.52
C VAL A 210 13.49 11.39 -17.82
N ILE A 211 13.62 10.51 -16.85
CA ILE A 211 14.86 10.33 -16.12
C ILE A 211 15.54 9.09 -16.65
N ASP A 212 16.86 9.16 -16.79
CA ASP A 212 17.66 8.03 -17.23
C ASP A 212 18.11 7.24 -16.00
N TYR A 213 17.55 6.03 -15.83
CA TYR A 213 17.83 5.19 -14.67
C TYR A 213 19.20 4.54 -14.71
N LYS A 214 19.95 4.72 -15.79
CA LYS A 214 21.32 4.22 -15.84
C LYS A 214 22.33 5.22 -15.30
N LEU A 215 22.03 6.50 -15.39
CA LEU A 215 22.89 7.47 -14.76
C LEU A 215 22.45 7.58 -13.30
N ALA A 216 21.14 7.66 -13.07
CA ALA A 216 20.63 7.72 -11.71
C ALA A 216 20.58 6.35 -11.06
N ASP A 217 21.74 5.81 -10.71
CA ASP A 217 21.81 4.47 -10.14
C ASP A 217 21.40 4.29 -8.69
N ASP A 218 21.30 5.37 -7.93
CA ASP A 218 21.02 5.25 -6.50
C ASP A 218 19.91 6.15 -6.08
N ALA A 219 19.22 5.78 -5.02
CA ALA A 219 18.07 6.54 -4.59
C ALA A 219 18.49 7.99 -4.43
N ASP A 220 19.74 8.21 -4.11
CA ASP A 220 20.24 9.56 -3.97
C ASP A 220 20.29 10.23 -5.31
N LYS A 221 21.08 9.71 -6.24
CA LYS A 221 21.03 10.30 -7.57
C LYS A 221 19.60 10.31 -8.10
N MET A 222 18.79 9.34 -7.67
CA MET A 222 17.41 9.24 -8.12
C MET A 222 16.54 10.30 -7.46
N ARG A 223 16.67 10.47 -6.14
CA ARG A 223 15.93 11.51 -5.43
C ARG A 223 16.17 12.87 -6.07
N GLU A 224 17.42 13.16 -6.46
CA GLU A 224 17.71 14.46 -7.06
C GLU A 224 17.07 14.59 -8.43
N ALA A 225 17.07 13.52 -9.22
CA ALA A 225 16.46 13.57 -10.54
C ALA A 225 14.96 13.72 -10.42
N LEU A 226 14.35 13.04 -9.47
CA LEU A 226 12.92 13.18 -9.25
C LEU A 226 12.57 14.59 -8.77
N ARG A 227 13.31 15.11 -7.77
CA ARG A 227 13.01 16.45 -7.28
C ARG A 227 13.13 17.49 -8.39
N GLU A 228 13.93 17.24 -9.39
CA GLU A 228 13.96 18.17 -10.48
C GLU A 228 12.76 17.90 -11.39
N ALA A 229 12.54 16.66 -11.77
CA ALA A 229 11.43 16.39 -12.69
C ALA A 229 10.06 16.58 -12.06
N ALA A 230 9.95 16.47 -10.73
CA ALA A 230 8.67 16.52 -10.03
C ALA A 230 8.80 17.43 -8.81
N PRO A 231 8.98 18.74 -9.04
CA PRO A 231 9.24 19.65 -7.92
C PRO A 231 8.07 19.81 -6.96
N ASP A 232 6.87 19.49 -7.37
CA ASP A 232 5.76 19.65 -6.48
C ASP A 232 5.33 18.35 -5.81
N GLY A 233 6.17 17.34 -5.89
CA GLY A 233 5.86 16.06 -5.29
C GLY A 233 5.21 15.10 -6.26
N VAL A 234 4.95 13.88 -5.77
CA VAL A 234 4.38 12.82 -6.57
C VAL A 234 2.99 12.48 -6.02
N ASP A 235 1.98 12.54 -6.89
CA ASP A 235 0.62 12.14 -6.53
C ASP A 235 0.29 10.71 -6.92
N LYS A 236 0.74 10.24 -8.09
CA LYS A 236 0.54 8.85 -8.44
C LYS A 236 1.85 8.28 -8.91
N TYR A 237 2.04 6.99 -8.65
CA TYR A 237 3.20 6.23 -9.07
C TYR A 237 2.74 4.90 -9.66
N PHE A 238 3.05 4.65 -10.95
CA PHE A 238 2.86 3.33 -11.55
C PHE A 238 4.24 2.69 -11.60
N ASP A 239 4.41 1.60 -10.85
CA ASP A 239 5.72 1.04 -10.55
C ASP A 239 5.88 -0.32 -11.22
N SER A 240 6.83 -0.44 -12.15
CA SER A 240 7.20 -1.75 -12.68
C SER A 240 8.61 -2.18 -12.28
N ILE A 241 9.31 -1.37 -11.48
CA ILE A 241 10.74 -1.51 -11.27
C ILE A 241 11.07 -1.85 -9.81
N GLY A 242 10.50 -1.11 -8.87
CA GLY A 242 10.91 -1.33 -7.50
C GLY A 242 12.35 -0.88 -7.27
N GLY A 243 12.99 -1.45 -6.24
CA GLY A 243 14.36 -1.07 -5.95
C GLY A 243 14.49 0.40 -5.61
N SER A 244 15.58 1.01 -6.11
CA SER A 244 15.99 2.33 -5.64
C SER A 244 15.12 3.45 -6.18
N VAL A 245 14.62 3.31 -7.42
CA VAL A 245 13.72 4.33 -7.95
C VAL A 245 12.44 4.39 -7.11
N THR A 246 11.90 3.24 -6.73
CA THR A 246 10.73 3.23 -5.88
C THR A 246 11.05 3.76 -4.48
N ASP A 247 12.24 3.45 -3.96
CA ASP A 247 12.63 4.03 -2.67
C ASP A 247 12.62 5.55 -2.76
N ALA A 248 13.08 6.11 -3.89
CA ALA A 248 13.15 7.55 -4.01
C ALA A 248 11.75 8.16 -4.12
N VAL A 249 10.85 7.49 -4.82
CA VAL A 249 9.51 8.05 -5.00
C VAL A 249 8.79 8.11 -3.67
N PHE A 250 9.00 7.10 -2.82
CA PHE A 250 8.28 7.08 -1.56
C PHE A 250 8.74 8.17 -0.60
N SER A 251 9.87 8.81 -0.86
CA SER A 251 10.27 9.94 -0.03
C SER A 251 9.55 11.25 -0.38
N MET A 252 8.87 11.32 -1.52
CA MET A 252 8.24 12.56 -1.97
C MET A 252 6.78 12.34 -2.30
N LEU A 253 6.11 11.48 -1.56
CA LEU A 253 4.70 11.21 -1.78
C LEU A 253 3.83 12.32 -1.21
N ASN A 254 2.97 12.89 -2.06
CA ASN A 254 2.00 13.90 -1.64
C ASN A 254 0.83 13.27 -0.89
N VAL A 255 -0.07 14.13 -0.41
CA VAL A 255 -1.17 13.69 0.43
C VAL A 255 -2.27 13.10 -0.44
N GLY A 256 -2.80 11.95 -0.02
CA GLY A 256 -3.75 11.26 -0.86
C GLY A 256 -3.14 10.64 -2.10
N SER A 257 -1.84 10.35 -2.10
CA SER A 257 -1.25 9.74 -3.27
C SER A 257 -1.71 8.28 -3.45
N GLN A 258 -1.46 7.74 -4.64
CA GLN A 258 -1.76 6.34 -4.94
C GLN A 258 -0.60 5.71 -5.70
N VAL A 259 -0.19 4.52 -5.27
CA VAL A 259 0.86 3.74 -5.89
C VAL A 259 0.28 2.42 -6.41
N ALA A 260 0.46 2.14 -7.70
CA ALA A 260 0.10 0.85 -8.28
C ALA A 260 1.36 0.03 -8.53
N VAL A 261 1.44 -1.13 -7.90
CA VAL A 261 2.59 -2.01 -8.03
C VAL A 261 2.26 -3.08 -9.05
N CYS A 262 2.90 -2.97 -10.22
CA CYS A 262 2.68 -3.84 -11.36
C CYS A 262 3.78 -4.88 -11.52
N TRP A 263 5.02 -4.53 -11.20
CA TRP A 263 6.13 -5.49 -11.24
C TRP A 263 7.25 -4.91 -10.38
N GLN A 264 8.21 -5.79 -10.04
CA GLN A 264 9.39 -5.39 -9.27
C GLN A 264 10.64 -5.95 -9.94
N TRP A 265 10.86 -5.52 -11.19
CA TRP A 265 12.05 -5.91 -11.96
C TRP A 265 13.33 -5.95 -11.13
N ALA A 266 13.54 -4.93 -10.30
CA ALA A 266 14.78 -4.86 -9.55
C ALA A 266 14.87 -5.97 -8.52
N THR A 267 13.74 -6.43 -7.97
CA THR A 267 13.79 -7.61 -7.11
C THR A 267 13.81 -8.91 -7.94
N GLN A 268 12.78 -9.11 -8.78
CA GLN A 268 12.64 -10.34 -9.55
C GLN A 268 13.84 -10.62 -10.47
N VAL A 269 14.28 -9.63 -11.23
CA VAL A 269 15.37 -9.86 -12.17
C VAL A 269 16.73 -9.57 -11.53
N GLN A 270 16.90 -8.43 -10.85
CA GLN A 270 18.20 -8.03 -10.30
C GLN A 270 18.41 -8.47 -8.86
N ARG A 271 17.45 -9.16 -8.25
CA ARG A 271 17.64 -9.81 -6.94
C ARG A 271 17.97 -8.80 -5.83
N ASP A 272 17.28 -7.66 -5.85
CA ASP A 272 17.39 -6.60 -4.83
C ASP A 272 16.33 -6.89 -3.77
N TYR A 273 16.72 -7.66 -2.74
CA TYR A 273 15.71 -8.22 -1.83
C TYR A 273 15.47 -7.38 -0.59
N HIS A 274 16.44 -6.60 -0.17
CA HIS A 274 16.33 -5.81 1.04
C HIS A 274 16.52 -4.35 0.70
N GLY A 275 15.94 -3.50 1.53
CA GLY A 275 16.08 -2.07 1.37
C GLY A 275 15.33 -1.30 2.43
N PRO A 276 15.39 0.02 2.34
CA PRO A 276 14.76 0.85 3.39
C PRO A 276 13.27 0.55 3.50
N ARG A 277 12.80 0.38 4.74
CA ARG A 277 11.39 0.12 4.95
C ARG A 277 10.56 1.27 4.39
N LEU A 278 9.63 0.96 3.51
CA LEU A 278 8.84 2.00 2.84
C LEU A 278 7.59 2.40 3.62
N LEU A 279 6.98 1.48 4.37
CA LEU A 279 5.74 1.81 5.06
C LEU A 279 5.82 3.01 6.02
N PRO A 280 6.95 3.30 6.69
CA PRO A 280 7.02 4.53 7.52
C PRO A 280 6.74 5.83 6.75
N TYR A 281 6.76 5.81 5.42
CA TYR A 281 6.64 7.01 4.61
C TYR A 281 5.24 7.23 4.07
N ILE A 282 4.27 6.38 4.40
CA ILE A 282 2.96 6.44 3.76
C ILE A 282 1.88 6.91 4.71
N MET A 283 2.18 7.08 6.00
CA MET A 283 1.15 7.42 6.97
C MET A 283 0.70 8.86 6.82
N PHE A 284 1.61 9.83 7.00
CA PHE A 284 1.21 11.21 6.81
C PHE A 284 0.67 11.49 5.41
N PRO A 285 1.30 11.03 4.32
CA PRO A 285 0.67 11.20 3.00
C PRO A 285 -0.68 10.51 2.87
N ARG A 286 -1.03 9.59 3.77
CA ARG A 286 -2.23 8.78 3.62
C ARG A 286 -2.27 8.13 2.23
N ALA A 287 -1.12 7.57 1.83
CA ALA A 287 -0.99 6.98 0.50
C ALA A 287 -1.63 5.61 0.47
N THR A 288 -2.18 5.27 -0.69
CA THR A 288 -2.80 3.97 -0.95
C THR A 288 -1.94 3.23 -1.95
N ILE A 289 -1.58 1.99 -1.62
CA ILE A 289 -0.77 1.15 -2.49
C ILE A 289 -1.58 -0.08 -2.84
N ARG A 290 -1.77 -0.35 -4.13
CA ARG A 290 -2.52 -1.52 -4.57
C ARG A 290 -1.66 -2.42 -5.45
N GLY A 291 -1.55 -3.68 -5.06
CA GLY A 291 -0.99 -4.67 -5.95
C GLY A 291 -1.86 -4.87 -7.19
N ILE A 292 -1.20 -4.98 -8.34
CA ILE A 292 -1.87 -5.25 -9.60
C ILE A 292 -1.66 -6.70 -10.00
N PHE A 293 -2.77 -7.40 -10.27
CA PHE A 293 -2.73 -8.74 -10.88
C PHE A 293 -3.87 -8.74 -11.89
N SER A 294 -3.59 -8.26 -13.10
CA SER A 294 -4.66 -7.92 -14.04
C SER A 294 -5.48 -9.13 -14.51
N LEU A 295 -5.00 -10.37 -14.29
CA LEU A 295 -5.84 -11.55 -14.55
C LEU A 295 -7.23 -11.41 -13.95
N GLU A 296 -7.36 -10.73 -12.80
CA GLU A 296 -8.64 -10.60 -12.13
C GLU A 296 -9.63 -9.81 -12.96
N TRP A 297 -9.17 -9.08 -13.98
CA TRP A 297 -10.04 -8.28 -14.83
C TRP A 297 -10.35 -8.96 -16.16
N PHE A 298 -9.88 -10.19 -16.39
CA PHE A 298 -10.17 -10.92 -17.62
C PHE A 298 -11.61 -11.43 -17.52
N THR A 299 -12.53 -10.56 -17.87
CA THR A 299 -13.96 -10.85 -17.92
C THR A 299 -14.47 -10.38 -19.26
N GLU A 300 -15.56 -10.99 -19.74
CA GLU A 300 -16.11 -10.59 -21.03
C GLU A 300 -16.49 -9.11 -21.04
N GLN A 301 -17.05 -8.62 -19.94
CA GLN A 301 -17.43 -7.20 -19.90
C GLN A 301 -16.20 -6.28 -19.94
N ASN A 302 -15.12 -6.67 -19.26
CA ASN A 302 -13.95 -5.80 -19.30
C ASN A 302 -13.33 -5.80 -20.68
N TRP A 303 -13.31 -6.96 -21.38
CA TRP A 303 -12.77 -6.99 -22.73
C TRP A 303 -13.55 -6.08 -23.67
N SER A 304 -14.88 -6.03 -23.52
CA SER A 304 -15.66 -5.15 -24.38
C SER A 304 -15.35 -3.68 -24.10
N ALA A 305 -15.32 -3.30 -22.82
CA ALA A 305 -15.01 -1.92 -22.49
C ALA A 305 -13.60 -1.53 -22.93
N LEU A 306 -12.64 -2.46 -22.82
CA LEU A 306 -11.30 -2.25 -23.36
C LEU A 306 -11.35 -1.86 -24.84
N HIS A 307 -12.11 -2.63 -25.62
CA HIS A 307 -12.18 -2.36 -27.06
C HIS A 307 -12.88 -1.05 -27.34
N GLU A 308 -13.96 -0.75 -26.61
CA GLU A 308 -14.68 0.49 -26.83
C GLU A 308 -13.84 1.69 -26.42
N GLU A 309 -13.43 1.74 -25.16
CA GLU A 309 -12.66 2.87 -24.69
C GLU A 309 -11.27 2.93 -25.34
N LEU A 310 -10.43 1.92 -25.07
CA LEU A 310 -9.05 2.02 -25.50
C LEU A 310 -8.93 1.90 -27.00
N GLY A 311 -9.71 1.02 -27.63
CA GLY A 311 -9.65 0.84 -29.07
C GLY A 311 -10.03 2.11 -29.82
N GLY A 312 -10.99 2.87 -29.30
CA GLY A 312 -11.35 4.13 -29.93
C GLY A 312 -10.19 5.11 -29.93
N LEU A 313 -9.58 5.30 -28.76
CA LEU A 313 -8.45 6.22 -28.66
C LEU A 313 -7.31 5.82 -29.60
N VAL A 314 -7.03 4.52 -29.72
CA VAL A 314 -5.94 4.10 -30.61
C VAL A 314 -6.32 4.39 -32.05
N ARG A 315 -7.59 4.16 -32.38
CA ARG A 315 -8.06 4.27 -33.75
C ARG A 315 -8.13 5.73 -34.18
N ARG A 316 -8.68 6.58 -33.32
CA ARG A 316 -8.69 8.02 -33.62
C ARG A 316 -7.30 8.64 -33.57
N GLN A 317 -6.26 7.85 -33.28
CA GLN A 317 -4.87 8.26 -33.13
C GLN A 317 -4.64 9.14 -31.92
N GLU A 318 -5.57 9.17 -30.97
CA GLU A 318 -5.38 9.95 -29.75
C GLU A 318 -4.48 9.23 -28.74
N LEU A 319 -3.92 8.09 -29.12
CA LEU A 319 -3.21 7.28 -28.14
C LEU A 319 -2.43 6.21 -28.86
N VAL A 320 -1.12 6.15 -28.65
CA VAL A 320 -0.24 5.43 -29.57
C VAL A 320 0.22 4.13 -28.92
N ALA A 321 0.00 3.02 -29.63
CA ALA A 321 0.34 1.68 -29.14
C ALA A 321 1.26 0.95 -30.13
N HIS A 322 2.55 1.07 -29.93
CA HIS A 322 3.48 0.46 -30.85
C HIS A 322 3.77 -1.01 -30.60
N GLU A 323 3.96 -1.75 -31.68
CA GLU A 323 4.37 -3.15 -31.54
C GLU A 323 5.52 -3.45 -32.47
N THR A 324 6.44 -4.30 -32.01
CA THR A 324 7.55 -4.80 -32.81
C THR A 324 7.26 -6.28 -33.10
N VAL A 325 6.77 -6.57 -34.31
CA VAL A 325 6.44 -7.92 -34.73
C VAL A 325 7.65 -8.49 -35.47
N GLN A 326 8.43 -9.32 -34.76
CA GLN A 326 9.43 -10.20 -35.36
C GLN A 326 8.78 -11.43 -36.00
N ASP A 327 9.35 -11.90 -37.12
CA ASP A 327 8.81 -13.06 -37.83
C ASP A 327 9.70 -14.30 -37.67
N GLY A 328 9.05 -15.45 -37.52
CA GLY A 328 9.73 -16.74 -37.54
C GLY A 328 9.81 -17.42 -36.20
N PHE A 329 9.15 -18.56 -36.06
CA PHE A 329 9.16 -19.32 -34.81
C PHE A 329 10.56 -19.51 -34.27
N GLU A 330 11.55 -19.73 -35.16
CA GLU A 330 12.90 -19.99 -34.74
C GLU A 330 13.54 -18.79 -34.04
N HIS A 331 13.03 -17.59 -34.22
CA HIS A 331 13.62 -16.41 -33.61
C HIS A 331 12.88 -15.96 -32.33
N ILE A 332 12.04 -16.83 -31.77
CA ILE A 332 11.36 -16.48 -30.53
C ILE A 332 12.36 -16.13 -29.41
N PRO A 333 13.34 -16.98 -29.08
CA PRO A 333 14.26 -16.60 -27.99
C PRO A 333 15.07 -15.34 -28.29
N ALA A 334 15.52 -15.17 -29.53
CA ALA A 334 16.23 -13.95 -29.90
C ALA A 334 15.35 -12.71 -29.66
N ALA A 335 14.09 -12.77 -30.08
CA ALA A 335 13.17 -11.66 -29.84
C ALA A 335 12.96 -11.43 -28.35
N TYR A 336 12.84 -12.51 -27.57
CA TYR A 336 12.73 -12.36 -26.12
C TYR A 336 13.98 -11.72 -25.53
N GLN A 337 15.14 -12.01 -26.12
CA GLN A 337 16.40 -11.51 -25.58
C GLN A 337 16.46 -10.00 -25.64
N THR A 338 15.86 -9.40 -26.67
CA THR A 338 15.96 -7.95 -26.82
C THR A 338 15.25 -7.19 -25.71
N LEU A 339 14.37 -7.84 -24.95
CA LEU A 339 13.76 -7.18 -23.81
C LEU A 339 14.80 -6.79 -22.76
N PHE A 340 15.99 -7.36 -22.82
CA PHE A 340 17.04 -7.11 -21.83
C PHE A 340 18.30 -6.48 -22.41
N SER A 341 18.34 -6.20 -23.71
CA SER A 341 19.47 -5.54 -24.35
C SER A 341 19.47 -4.04 -24.03
N ALA A 342 20.47 -3.34 -24.58
CA ALA A 342 20.53 -1.89 -24.54
C ALA A 342 20.03 -1.26 -25.83
N SER A 343 19.55 -2.08 -26.77
CA SER A 343 19.02 -1.59 -28.03
C SER A 343 17.77 -0.72 -27.80
N GLU A 344 17.74 0.43 -28.47
CA GLU A 344 16.59 1.33 -28.41
C GLU A 344 15.50 0.99 -29.41
N SER A 345 15.71 -0.03 -30.25
CA SER A 345 14.74 -0.38 -31.29
C SER A 345 13.47 -1.01 -30.72
N ASN A 346 13.43 -1.32 -29.42
CA ASN A 346 12.30 -2.01 -28.82
C ASN A 346 11.18 -1.00 -28.55
N ARG A 347 10.34 -0.81 -29.54
CA ARG A 347 9.16 0.03 -29.43
C ARG A 347 7.97 -0.84 -29.05
N GLY A 348 7.41 -0.61 -27.86
CA GLY A 348 6.12 -1.18 -27.51
C GLY A 348 6.18 -2.68 -27.25
N LYS A 349 5.08 -3.35 -27.56
CA LYS A 349 5.00 -4.79 -27.36
C LYS A 349 5.85 -5.52 -28.41
N VAL A 350 6.76 -6.36 -27.95
CA VAL A 350 7.51 -7.25 -28.84
C VAL A 350 6.69 -8.52 -29.07
N LEU A 351 6.55 -8.92 -30.33
CA LEU A 351 5.75 -10.06 -30.75
C LEU A 351 6.51 -10.90 -31.76
N VAL A 352 6.18 -12.18 -31.83
CA VAL A 352 6.67 -13.04 -32.91
C VAL A 352 5.48 -13.53 -33.72
N ARG A 353 5.49 -13.25 -35.03
CA ARG A 353 4.56 -13.89 -35.94
C ARG A 353 5.19 -15.19 -36.43
N VAL A 354 4.43 -16.28 -36.35
CA VAL A 354 4.94 -17.63 -36.66
C VAL A 354 4.58 -18.11 -38.07
N LEU B 1 -5.10 43.29 32.79
CA LEU B 1 -3.71 43.13 33.20
C LEU B 1 -3.52 42.23 34.44
N GLY B 2 -2.41 41.52 34.42
CA GLY B 2 -2.08 40.53 35.42
C GLY B 2 -1.20 39.45 34.84
N SER B 3 -0.57 38.70 35.73
CA SER B 3 0.21 37.55 35.32
C SER B 3 -0.13 36.38 36.23
N MET B 4 0.46 35.23 35.93
CA MET B 4 0.08 34.00 36.61
C MET B 4 1.22 33.00 36.51
N LYS B 5 1.67 32.46 37.64
CA LYS B 5 2.71 31.44 37.60
C LYS B 5 2.11 30.11 37.13
N THR B 6 2.87 29.40 36.31
CA THR B 6 2.47 28.08 35.81
C THR B 6 3.67 27.16 35.85
N GLU B 7 3.42 25.88 35.61
CA GLU B 7 4.49 24.93 35.41
C GLU B 7 4.37 24.33 34.02
N ARG B 8 5.53 24.09 33.41
CA ARG B 8 5.63 23.44 32.12
C ARG B 8 6.72 22.37 32.22
N TRP B 9 6.54 21.31 31.44
CA TRP B 9 7.62 20.38 31.14
C TRP B 9 8.22 20.81 29.82
N VAL B 10 9.52 21.07 29.81
CA VAL B 10 10.21 21.51 28.61
C VAL B 10 11.19 20.42 28.21
N VAL B 11 11.59 20.44 26.94
CA VAL B 11 12.51 19.46 26.40
C VAL B 11 13.92 19.96 26.71
N ARG B 12 14.58 19.27 27.63
CA ARG B 12 15.93 19.57 28.08
C ARG B 12 16.97 18.98 27.13
N GLU B 13 16.75 17.75 26.68
CA GLU B 13 17.73 17.05 25.87
C GLU B 13 17.03 16.13 24.88
N HIS B 14 17.61 15.99 23.70
CA HIS B 14 17.13 15.05 22.69
C HIS B 14 17.85 13.70 22.83
N VAL B 15 17.07 12.65 23.02
CA VAL B 15 17.58 11.28 23.13
C VAL B 15 16.85 10.43 22.11
N GLU B 16 17.60 9.82 21.18
CA GLU B 16 17.06 8.86 20.21
C GLU B 16 16.63 7.56 20.91
N GLY B 17 15.90 6.74 20.16
CA GLY B 17 15.51 5.42 20.60
C GLY B 17 14.42 5.46 21.66
N VAL B 18 14.50 4.49 22.58
CA VAL B 18 13.52 4.49 23.68
C VAL B 18 13.76 5.71 24.58
N PRO B 19 12.71 6.47 24.91
CA PRO B 19 12.91 7.68 25.72
C PRO B 19 13.43 7.33 27.11
N ASP B 20 14.34 8.16 27.59
CA ASP B 20 14.68 8.23 29.01
C ASP B 20 13.98 9.50 29.52
N ALA B 21 12.75 9.33 30.00
CA ALA B 21 11.87 10.48 30.19
C ALA B 21 12.38 11.42 31.28
N ALA B 22 13.12 10.91 32.27
CA ALA B 22 13.66 11.79 33.30
C ALA B 22 14.90 12.55 32.83
N ARG B 23 15.58 12.08 31.80
CA ARG B 23 16.71 12.83 31.25
C ARG B 23 16.27 13.85 30.21
N ILE B 24 15.18 13.55 29.50
CA ILE B 24 14.72 14.37 28.37
C ILE B 24 14.02 15.63 28.85
N TYR B 25 13.25 15.54 29.92
CA TYR B 25 12.32 16.59 30.32
C TYR B 25 12.77 17.22 31.64
N GLU B 26 12.28 18.44 31.86
CA GLU B 26 12.60 19.26 33.01
C GLU B 26 11.38 20.08 33.31
N LYS B 27 10.96 20.09 34.58
CA LYS B 27 9.82 20.88 35.00
C LYS B 27 10.26 22.27 35.43
N VAL B 28 9.66 23.29 34.83
CA VAL B 28 10.02 24.68 35.06
C VAL B 28 8.79 25.49 35.44
N GLU B 29 9.00 26.49 36.30
CA GLU B 29 7.96 27.48 36.61
C GLU B 29 8.02 28.62 35.58
N THR B 30 6.87 28.97 35.03
CA THR B 30 6.80 29.98 34.00
C THR B 30 5.74 31.00 34.37
N GLU B 31 6.15 32.26 34.42
CA GLU B 31 5.19 33.34 34.60
C GLU B 31 4.53 33.64 33.26
N LEU B 32 3.21 33.64 33.25
CA LEU B 32 2.41 33.82 32.06
C LEU B 32 1.74 35.18 32.14
N ASN B 33 1.98 36.03 31.14
CA ASN B 33 1.18 37.23 31.00
C ASN B 33 -0.24 36.79 30.66
N THR B 34 -1.22 37.34 31.38
CA THR B 34 -2.60 36.96 31.15
C THR B 34 -3.41 38.07 30.51
N ARG B 35 -2.74 39.14 30.05
CA ARG B 35 -3.38 40.17 29.24
C ARG B 35 -3.68 39.57 27.87
N LEU B 36 -4.94 39.24 27.63
CA LEU B 36 -5.35 38.53 26.43
C LEU B 36 -5.54 39.47 25.23
N GLY B 37 -5.20 38.97 24.06
CA GLY B 37 -5.61 39.62 22.83
C GLY B 37 -7.04 39.26 22.47
N GLU B 38 -7.52 39.85 21.37
CA GLU B 38 -8.94 39.81 21.08
C GLU B 38 -9.46 38.40 20.84
N GLU B 39 -8.67 37.57 20.17
CA GLU B 39 -9.10 36.21 19.88
C GLU B 39 -8.52 35.19 20.85
N GLN B 40 -7.70 35.62 21.81
CA GLN B 40 -6.99 34.72 22.71
C GLN B 40 -7.82 34.33 23.92
N MET B 41 -7.49 33.15 24.45
CA MET B 41 -8.07 32.64 25.69
C MET B 41 -6.96 32.31 26.68
N LEU B 42 -7.30 32.34 27.97
CA LEU B 42 -6.51 31.68 29.01
C LEU B 42 -7.17 30.35 29.36
N LEU B 43 -6.38 29.27 29.35
CA LEU B 43 -6.90 27.93 29.60
C LEU B 43 -6.12 27.22 30.70
N LYS B 44 -6.80 26.28 31.36
CA LYS B 44 -6.26 25.48 32.45
C LYS B 44 -6.39 24.00 32.07
N THR B 45 -5.29 23.26 32.17
CA THR B 45 -5.27 21.88 31.73
C THR B 45 -5.88 20.97 32.78
N LEU B 46 -6.83 20.13 32.37
CA LEU B 46 -7.42 19.17 33.27
C LEU B 46 -6.84 17.77 33.11
N TYR B 47 -6.62 17.34 31.86
CA TYR B 47 -5.98 16.06 31.56
C TYR B 47 -5.00 16.21 30.42
N VAL B 48 -3.99 15.32 30.40
CA VAL B 48 -3.07 15.21 29.28
C VAL B 48 -2.95 13.74 28.89
N SER B 49 -2.77 13.53 27.59
CA SER B 49 -2.47 12.23 27.02
C SER B 49 -0.96 12.05 27.00
N VAL B 50 -0.53 10.80 27.16
CA VAL B 50 0.84 10.40 26.83
C VAL B 50 0.78 9.30 25.77
N ASP B 51 1.63 9.41 24.76
CA ASP B 51 1.47 8.50 23.63
C ASP B 51 2.84 8.17 23.06
N PRO B 52 2.98 7.01 22.43
CA PRO B 52 4.27 6.71 21.79
C PRO B 52 4.60 7.68 20.68
N TYR B 53 3.60 8.26 19.99
CA TYR B 53 3.93 9.22 18.95
C TYR B 53 4.57 10.49 19.48
N LEU B 54 4.50 10.73 20.79
CA LEU B 54 5.19 11.86 21.38
C LEU B 54 6.69 11.71 21.28
N GLN B 55 7.20 10.50 21.01
CA GLN B 55 8.65 10.32 20.95
C GLN B 55 9.25 11.09 19.80
N GLY B 56 8.59 11.07 18.64
CA GLY B 56 9.06 11.78 17.46
C GLY B 56 8.77 13.27 17.53
N ILE B 57 7.58 13.63 18.00
CA ILE B 57 7.27 15.03 18.27
C ILE B 57 8.35 15.65 19.14
N CYS B 58 8.70 14.96 20.23
CA CYS B 58 9.75 15.45 21.10
C CYS B 58 11.06 15.66 20.34
N LEU B 59 11.44 14.68 19.55
CA LEU B 59 12.69 14.80 18.80
C LEU B 59 12.67 16.01 17.86
N ASP B 60 11.49 16.45 17.44
CA ASP B 60 11.36 17.60 16.57
C ASP B 60 11.08 18.89 17.33
N THR B 61 11.16 18.88 18.66
CA THR B 61 10.83 20.03 19.47
C THR B 61 12.12 20.75 19.84
N PRO B 62 12.30 22.02 19.48
CA PRO B 62 13.58 22.68 19.83
C PRO B 62 13.77 22.71 21.33
N ILE B 63 15.04 22.60 21.75
CA ILE B 63 15.40 22.59 23.15
C ILE B 63 14.86 23.82 23.87
N GLY B 64 14.27 23.60 25.04
CA GLY B 64 13.62 24.64 25.80
C GLY B 64 12.13 24.80 25.51
N ASP B 65 11.64 24.29 24.39
CA ASP B 65 10.21 24.43 24.19
C ASP B 65 9.44 23.42 25.04
N HIS B 66 8.16 23.71 25.25
CA HIS B 66 7.32 22.81 26.01
C HIS B 66 6.95 21.58 25.18
N MET B 67 6.69 20.48 25.87
CA MET B 67 6.34 19.24 25.19
C MET B 67 4.87 19.30 24.78
N GLY B 68 4.59 19.15 23.49
CA GLY B 68 3.23 19.07 23.03
C GLY B 68 2.57 17.74 23.39
N ALA B 69 1.25 17.78 23.55
CA ALA B 69 0.45 16.58 23.82
C ALA B 69 -1.02 16.95 23.69
N ASP B 70 -1.85 15.93 23.52
CA ASP B 70 -3.29 16.13 23.51
C ASP B 70 -3.79 16.38 24.93
N SER B 71 -4.70 17.35 25.08
CA SER B 71 -5.14 17.70 26.42
C SER B 71 -6.60 18.13 26.41
N ILE B 72 -7.22 18.03 27.59
CA ILE B 72 -8.52 18.64 27.85
C ILE B 72 -8.29 19.85 28.73
N MET B 73 -8.84 20.99 28.33
CA MET B 73 -8.60 22.26 28.97
C MET B 73 -9.93 22.94 29.31
N GLN B 74 -9.84 24.00 30.09
CA GLN B 74 -11.02 24.74 30.53
C GLN B 74 -10.75 26.22 30.38
N VAL B 75 -11.64 26.93 29.70
CA VAL B 75 -11.38 28.33 29.41
C VAL B 75 -11.56 29.15 30.70
N LEU B 76 -10.45 29.67 31.24
CA LEU B 76 -10.53 30.54 32.41
C LEU B 76 -11.06 31.91 32.02
N ASP B 77 -10.49 32.48 30.97
CA ASP B 77 -10.79 33.84 30.56
C ASP B 77 -10.72 33.85 29.04
N ALA B 78 -11.37 34.85 28.44
CA ALA B 78 -11.45 34.88 26.98
C ALA B 78 -11.64 36.31 26.53
N GLY B 79 -10.89 36.72 25.51
CA GLY B 79 -11.04 38.02 24.93
C GLY B 79 -12.38 38.16 24.23
N PRO B 80 -12.70 39.38 23.78
CA PRO B 80 -14.03 39.60 23.17
C PRO B 80 -14.31 38.68 21.99
N ASN B 81 -13.41 38.66 21.00
CA ASN B 81 -13.57 37.82 19.81
C ASN B 81 -12.90 36.45 19.96
N ALA B 82 -12.99 35.87 21.15
CA ALA B 82 -12.49 34.53 21.35
C ALA B 82 -13.48 33.52 20.78
N PRO B 83 -12.99 32.35 20.35
CA PRO B 83 -13.89 31.31 19.85
C PRO B 83 -14.57 30.50 20.92
N PHE B 84 -14.34 30.82 22.19
CA PHE B 84 -14.95 30.11 23.29
C PHE B 84 -15.11 31.01 24.49
N ARG B 85 -16.01 30.66 25.41
CA ARG B 85 -16.26 31.54 26.54
C ARG B 85 -15.78 30.89 27.84
N PRO B 86 -15.44 31.70 28.85
CA PRO B 86 -14.99 31.17 30.13
C PRO B 86 -15.92 30.08 30.63
N GLY B 87 -15.33 29.03 31.19
CA GLY B 87 -16.06 27.86 31.59
C GLY B 87 -16.17 26.79 30.52
N ASP B 88 -15.98 27.16 29.25
CA ASP B 88 -16.04 26.17 28.19
C ASP B 88 -14.95 25.12 28.36
N LEU B 89 -15.29 23.87 28.05
CA LEU B 89 -14.33 22.77 28.04
C LEU B 89 -13.94 22.47 26.61
N VAL B 90 -12.64 22.35 26.35
CA VAL B 90 -12.15 22.13 24.99
C VAL B 90 -11.08 21.04 25.00
N GLN B 91 -10.88 20.44 23.83
CA GLN B 91 -9.84 19.45 23.59
C GLN B 91 -8.94 19.96 22.47
N GLY B 92 -7.63 19.85 22.70
CA GLY B 92 -6.67 20.41 21.76
C GLY B 92 -5.28 19.97 22.16
N PHE B 93 -4.29 20.46 21.41
CA PHE B 93 -2.89 20.08 21.61
C PHE B 93 -2.24 21.06 22.59
N GLY B 94 -2.77 21.07 23.81
CA GLY B 94 -2.33 22.05 24.80
C GLY B 94 -0.92 21.80 25.29
N GLY B 95 -0.50 20.55 25.34
CA GLY B 95 0.84 20.20 25.81
C GLY B 95 0.91 19.99 27.31
N TRP B 96 2.11 19.59 27.76
CA TRP B 96 2.41 19.37 29.18
C TRP B 96 2.66 20.73 29.88
N ARG B 97 1.59 21.50 30.02
CA ARG B 97 1.61 22.79 30.71
C ARG B 97 0.39 22.85 31.60
N THR B 98 0.52 23.42 32.81
CA THR B 98 -0.66 23.55 33.67
C THR B 98 -1.61 24.63 33.17
N HIS B 99 -1.08 25.66 32.50
CA HIS B 99 -1.88 26.74 31.93
C HIS B 99 -1.18 27.25 30.67
N LEU B 100 -1.95 27.93 29.83
CA LEU B 100 -1.45 28.44 28.55
C LEU B 100 -2.43 29.46 27.99
N VAL B 101 -1.91 30.35 27.13
CA VAL B 101 -2.71 31.27 26.36
C VAL B 101 -2.68 30.82 24.90
N SER B 102 -3.84 30.56 24.31
CA SER B 102 -3.93 30.24 22.90
C SER B 102 -5.17 30.88 22.30
N ASP B 103 -5.14 31.08 20.97
CA ASP B 103 -6.36 31.44 20.28
C ASP B 103 -7.09 30.21 19.73
N GLY B 104 -6.51 29.02 19.89
CA GLY B 104 -7.21 27.80 19.53
C GLY B 104 -7.36 27.54 18.05
N LYS B 105 -6.84 28.43 17.19
CA LYS B 105 -6.92 28.23 15.76
C LYS B 105 -5.94 27.15 15.35
N PRO B 106 -6.11 26.54 14.17
CA PRO B 106 -5.21 25.45 13.77
C PRO B 106 -3.81 26.00 13.60
N LYS B 107 -2.83 25.16 13.89
CA LYS B 107 -1.46 25.63 14.02
C LYS B 107 -0.51 24.70 13.31
N LEU B 108 0.44 25.29 12.59
CA LEU B 108 1.38 24.52 11.78
C LEU B 108 2.55 24.06 12.65
N TRP B 109 2.88 22.78 12.57
CA TRP B 109 4.00 22.20 13.31
C TRP B 109 5.28 22.44 12.49
N GLN B 110 5.89 23.60 12.72
CA GLN B 110 6.92 24.17 11.85
C GLN B 110 8.25 23.43 11.87
N THR B 111 8.46 22.54 12.83
CA THR B 111 9.74 21.87 12.98
C THR B 111 9.63 20.37 12.71
N GLY B 112 8.44 19.89 12.31
CA GLY B 112 8.25 18.47 12.14
C GLY B 112 8.85 17.91 10.85
N THR B 113 8.89 16.59 10.79
CA THR B 113 9.31 15.94 9.55
C THR B 113 8.39 16.33 8.40
N PHE B 114 7.09 16.31 8.66
CA PHE B 114 6.08 16.60 7.67
C PHE B 114 5.34 17.89 7.97
N PRO B 115 4.57 18.38 7.01
CA PRO B 115 3.78 19.61 7.19
C PRO B 115 2.48 19.43 7.96
N MET B 116 2.56 18.98 9.20
CA MET B 116 1.38 18.75 10.01
C MET B 116 0.76 20.01 10.56
N VAL B 117 -0.56 20.07 10.55
CA VAL B 117 -1.25 21.20 11.12
C VAL B 117 -2.14 20.71 12.24
N PHE B 118 -1.83 21.09 13.47
CA PHE B 118 -2.63 20.68 14.60
C PHE B 118 -4.02 21.29 14.44
N PRO B 119 -5.07 20.55 14.81
CA PRO B 119 -6.42 21.04 14.53
C PRO B 119 -6.75 22.22 15.42
N ALA B 120 -7.92 22.80 15.16
CA ALA B 120 -8.43 23.81 16.05
C ALA B 120 -9.00 23.12 17.28
N TYR B 121 -9.00 23.85 18.39
CA TYR B 121 -9.62 23.32 19.61
C TYR B 121 -11.10 23.05 19.35
N ARG B 122 -11.59 21.88 19.78
CA ARG B 122 -13.00 21.55 19.66
C ARG B 122 -13.68 21.59 21.03
N LYS B 123 -14.80 22.30 21.11
CA LYS B 123 -15.54 22.37 22.36
C LYS B 123 -16.08 21.00 22.74
N LEU B 124 -15.98 20.68 24.02
CA LEU B 124 -16.72 19.57 24.59
C LEU B 124 -17.91 20.12 25.32
N ASP B 125 -18.95 19.31 25.47
CA ASP B 125 -20.11 19.72 26.27
C ASP B 125 -20.50 18.59 27.20
N LEU B 126 -20.74 18.93 28.47
CA LEU B 126 -20.76 17.95 29.55
C LEU B 126 -21.91 16.95 29.41
N ARG B 127 -23.00 17.36 28.77
CA ARG B 127 -24.19 16.51 28.70
C ARG B 127 -23.88 15.16 28.08
N HIS B 128 -23.03 15.12 27.06
CA HIS B 128 -22.68 13.84 26.44
C HIS B 128 -21.87 12.92 27.34
N TYR B 129 -21.52 13.36 28.55
CA TYR B 129 -20.65 12.57 29.42
C TYR B 129 -21.37 12.24 30.71
N ASP B 130 -20.93 11.13 31.30
CA ASP B 130 -21.49 10.58 32.52
C ASP B 130 -20.43 9.64 33.10
N ASP B 131 -20.82 8.77 34.02
CA ASP B 131 -19.85 7.84 34.59
C ASP B 131 -19.50 6.69 33.65
N ALA B 132 -20.26 6.50 32.57
CA ALA B 132 -19.94 5.47 31.59
C ALA B 132 -19.07 6.04 30.47
N LEU B 133 -19.36 7.26 30.04
CA LEU B 133 -18.44 7.99 29.19
C LEU B 133 -17.90 9.20 29.93
N PRO B 134 -16.93 9.02 30.83
CA PRO B 134 -16.39 10.17 31.58
C PRO B 134 -15.77 11.20 30.64
N LEU B 135 -15.72 12.45 31.12
CA LEU B 135 -15.17 13.54 30.33
C LEU B 135 -13.81 13.20 29.75
N SER B 136 -13.04 12.35 30.44
CA SER B 136 -11.71 11.99 29.99
C SER B 136 -11.72 11.17 28.70
N THR B 137 -12.88 10.73 28.23
CA THR B 137 -12.93 9.94 27.00
C THR B 137 -12.67 10.80 25.77
N ALA B 138 -12.79 12.14 25.91
CA ALA B 138 -12.40 13.04 24.82
C ALA B 138 -10.91 12.97 24.48
N LEU B 139 -10.11 12.23 25.27
CA LEU B 139 -8.73 11.91 24.95
C LEU B 139 -8.55 10.44 24.58
N GLY B 140 -9.64 9.66 24.55
CA GLY B 140 -9.57 8.26 24.16
C GLY B 140 -10.68 7.84 23.22
N VAL B 141 -11.58 6.97 23.70
CA VAL B 141 -12.63 6.42 22.84
C VAL B 141 -13.41 7.54 22.17
N MET B 142 -13.65 8.65 22.88
CA MET B 142 -14.32 9.80 22.29
C MET B 142 -13.33 10.88 21.84
N GLY B 143 -12.06 10.52 21.67
CA GLY B 143 -11.06 11.46 21.21
C GLY B 143 -10.26 10.87 20.07
N GLY B 144 -9.02 11.32 19.98
CA GLY B 144 -8.10 10.90 18.96
C GLY B 144 -8.07 9.42 18.69
N PRO B 145 -7.75 8.60 19.70
CA PRO B 145 -7.56 7.17 19.41
C PRO B 145 -8.85 6.49 18.97
N GLY B 146 -9.99 6.85 19.57
CA GLY B 146 -11.25 6.34 19.08
C GLY B 146 -11.52 6.73 17.63
N MET B 147 -11.17 7.97 17.26
CA MET B 147 -11.37 8.40 15.87
C MET B 147 -10.46 7.63 14.93
N THR B 148 -9.31 7.20 15.42
CA THR B 148 -8.38 6.43 14.61
C THR B 148 -8.94 5.05 14.31
N ALA B 149 -9.46 4.35 15.33
CA ALA B 149 -9.97 3.01 15.13
C ALA B 149 -11.28 3.01 14.34
N TRP B 150 -12.28 3.74 14.83
CA TRP B 150 -13.59 3.78 14.18
C TRP B 150 -13.48 4.29 12.74
N GLY B 151 -12.59 5.24 12.49
CA GLY B 151 -12.44 5.77 11.15
C GLY B 151 -11.79 4.77 10.21
N THR B 152 -10.83 3.98 10.69
CA THR B 152 -10.27 2.92 9.85
C THR B 152 -11.32 1.86 9.56
N MET B 153 -12.16 1.52 10.54
CA MET B 153 -13.10 0.42 10.36
C MET B 153 -14.34 0.82 9.58
N THR B 154 -14.72 2.08 9.58
CA THR B 154 -15.90 2.49 8.85
C THR B 154 -15.58 3.24 7.57
N LYS B 155 -14.33 3.67 7.38
CA LYS B 155 -13.96 4.42 6.18
C LYS B 155 -12.91 3.74 5.31
N PHE B 156 -12.21 2.70 5.78
CA PHE B 156 -11.23 2.01 4.94
C PHE B 156 -11.45 0.51 4.91
N MET B 157 -11.23 -0.16 6.04
CA MET B 157 -11.36 -1.60 6.07
C MET B 157 -12.82 -2.00 5.96
N GLN B 158 -13.06 -3.07 5.21
CA GLN B 158 -14.40 -3.66 5.04
C GLN B 158 -14.36 -5.07 5.60
N VAL B 159 -14.47 -5.19 6.92
CA VAL B 159 -14.38 -6.48 7.59
C VAL B 159 -15.67 -7.25 7.33
N ARG B 160 -15.53 -8.50 6.94
CA ARG B 160 -16.69 -9.30 6.62
C ARG B 160 -16.70 -10.62 7.38
N PRO B 161 -17.91 -11.14 7.66
CA PRO B 161 -18.01 -12.38 8.43
C PRO B 161 -17.09 -13.45 7.88
N GLY B 162 -16.20 -13.97 8.69
CA GLY B 162 -15.26 -14.99 8.27
C GLY B 162 -13.84 -14.53 8.03
N ASP B 163 -13.57 -13.21 8.02
CA ASP B 163 -12.21 -12.71 7.87
C ASP B 163 -11.34 -13.17 9.03
N THR B 164 -10.01 -13.18 8.82
CA THR B 164 -9.08 -13.27 9.93
C THR B 164 -8.29 -11.95 9.97
N VAL B 165 -8.67 -11.08 10.92
CA VAL B 165 -8.05 -9.77 11.14
C VAL B 165 -6.88 -9.93 12.10
N VAL B 166 -5.69 -9.49 11.69
CA VAL B 166 -4.50 -9.47 12.53
C VAL B 166 -4.24 -8.04 12.98
N VAL B 167 -3.89 -7.86 14.26
CA VAL B 167 -3.62 -6.54 14.84
C VAL B 167 -2.28 -6.55 15.58
N SER B 168 -1.28 -5.87 15.02
CA SER B 168 -0.02 -5.70 15.73
C SER B 168 -0.11 -4.50 16.68
N GLY B 169 0.43 -4.66 17.90
CA GLY B 169 0.27 -3.67 18.93
C GLY B 169 -1.17 -3.58 19.39
N ALA B 170 -1.68 -4.63 20.01
CA ALA B 170 -3.12 -4.73 20.23
C ALA B 170 -3.55 -4.44 21.67
N SER B 171 -2.63 -4.35 22.60
CA SER B 171 -2.97 -4.09 24.00
C SER B 171 -3.53 -2.70 24.27
N GLY B 172 -3.16 -1.70 23.47
CA GLY B 172 -3.56 -0.32 23.70
C GLY B 172 -4.99 -0.05 23.26
N MET B 173 -5.44 1.19 23.50
CA MET B 173 -6.83 1.50 23.20
C MET B 173 -7.15 1.39 21.72
N ILE B 174 -6.20 1.72 20.85
CA ILE B 174 -6.47 1.64 19.42
C ILE B 174 -6.52 0.18 18.95
N GLY B 175 -5.55 -0.64 19.35
CA GLY B 175 -5.58 -2.04 18.94
C GLY B 175 -6.78 -2.81 19.44
N THR B 176 -7.08 -2.70 20.76
CA THR B 176 -8.24 -3.37 21.30
C THR B 176 -9.53 -2.85 20.69
N LEU B 177 -9.61 -1.57 20.35
CA LEU B 177 -10.81 -1.05 19.70
C LEU B 177 -11.00 -1.67 18.32
N VAL B 178 -9.90 -1.84 17.57
CA VAL B 178 -9.97 -2.47 16.26
C VAL B 178 -10.47 -3.90 16.37
N GLY B 179 -9.87 -4.67 17.29
CA GLY B 179 -10.26 -6.07 17.44
C GLY B 179 -11.75 -6.24 17.74
N GLN B 180 -12.28 -5.40 18.62
CA GLN B 180 -13.67 -5.59 19.03
C GLN B 180 -14.64 -5.26 17.90
N MET B 181 -14.38 -4.19 17.15
CA MET B 181 -15.21 -3.88 15.99
C MET B 181 -15.11 -4.96 14.93
N ALA B 182 -13.93 -5.54 14.76
CA ALA B 182 -13.73 -6.63 13.80
C ALA B 182 -14.50 -7.88 14.23
N LYS B 183 -14.49 -8.19 15.51
CA LYS B 183 -15.25 -9.31 16.01
C LYS B 183 -16.73 -9.07 15.82
N ARG B 184 -17.18 -7.85 16.05
CA ARG B 184 -18.59 -7.52 15.83
C ARG B 184 -19.01 -7.68 14.37
N ALA B 185 -18.06 -7.60 13.43
CA ALA B 185 -18.35 -7.81 12.03
C ALA B 185 -18.17 -9.27 11.59
N GLY B 186 -17.85 -10.16 12.52
CA GLY B 186 -17.74 -11.56 12.23
C GLY B 186 -16.35 -12.11 12.05
N ALA B 187 -15.33 -11.34 12.37
CA ALA B 187 -13.99 -11.81 12.05
C ALA B 187 -13.38 -12.64 13.17
N ARG B 188 -12.45 -13.51 12.79
CA ARG B 188 -11.42 -13.99 13.69
C ARG B 188 -10.40 -12.87 13.87
N VAL B 189 -10.02 -12.60 15.12
CA VAL B 189 -9.13 -11.48 15.44
C VAL B 189 -7.90 -11.99 16.18
N VAL B 190 -6.73 -11.67 15.66
CA VAL B 190 -5.45 -12.05 16.25
C VAL B 190 -4.71 -10.77 16.62
N GLY B 191 -4.23 -10.70 17.86
CA GLY B 191 -3.39 -9.62 18.30
C GLY B 191 -1.96 -10.04 18.62
N THR B 192 -1.16 -9.04 18.97
CA THR B 192 0.08 -9.25 19.72
C THR B 192 -0.03 -8.47 21.03
N ALA B 193 0.79 -8.89 22.00
CA ALA B 193 0.89 -8.20 23.28
C ALA B 193 2.15 -8.70 23.99
N GLY B 194 2.52 -8.00 25.06
CA GLY B 194 3.82 -8.18 25.68
C GLY B 194 3.85 -9.04 26.91
N SER B 195 2.76 -9.06 27.66
CA SER B 195 2.69 -9.80 28.90
C SER B 195 1.76 -11.01 28.74
N ALA B 196 2.03 -12.05 29.51
CA ALA B 196 1.03 -13.10 29.67
C ALA B 196 -0.27 -12.54 30.21
N GLY B 197 -0.19 -11.51 31.06
CA GLY B 197 -1.38 -10.96 31.68
C GLY B 197 -2.21 -10.10 30.75
N LYS B 198 -1.58 -9.49 29.74
CA LYS B 198 -2.35 -8.73 28.76
C LYS B 198 -2.91 -9.64 27.68
N ALA B 199 -2.16 -10.68 27.32
CA ALA B 199 -2.67 -11.73 26.44
C ALA B 199 -4.02 -12.25 26.93
N ARG B 200 -4.11 -12.52 28.24
CA ARG B 200 -5.37 -12.94 28.86
C ARG B 200 -6.39 -11.80 28.95
N TYR B 201 -5.92 -10.55 29.01
CA TYR B 201 -6.82 -9.40 28.94
C TYR B 201 -7.45 -9.29 27.56
N LEU B 202 -6.63 -9.41 26.50
CA LEU B 202 -7.14 -9.33 25.13
C LEU B 202 -8.10 -10.46 24.82
N SER B 203 -7.73 -11.70 25.18
CA SER B 203 -8.64 -12.82 24.99
C SER B 203 -10.01 -12.55 25.60
N GLN B 204 -10.03 -12.13 26.87
CA GLN B 204 -11.31 -11.87 27.54
C GLN B 204 -12.07 -10.72 26.91
N LEU B 205 -11.45 -9.99 25.98
CA LEU B 205 -12.13 -8.96 25.21
C LEU B 205 -12.66 -9.48 23.88
N GLY B 206 -12.36 -10.73 23.55
CA GLY B 206 -12.82 -11.36 22.32
C GLY B 206 -11.72 -11.83 21.38
N PHE B 207 -10.44 -11.60 21.68
CA PHE B 207 -9.37 -12.00 20.77
C PHE B 207 -9.25 -13.52 20.73
N ASP B 208 -9.24 -14.08 19.52
CA ASP B 208 -9.18 -15.53 19.36
C ASP B 208 -7.76 -16.08 19.50
N ALA B 209 -6.75 -15.22 19.46
CA ALA B 209 -5.36 -15.62 19.68
C ALA B 209 -4.53 -14.37 19.94
N VAL B 210 -3.47 -14.52 20.74
CA VAL B 210 -2.59 -13.41 21.12
C VAL B 210 -1.16 -13.92 21.13
N ILE B 211 -0.34 -13.42 20.21
CA ILE B 211 1.08 -13.75 20.13
C ILE B 211 1.86 -12.94 21.17
N ASP B 212 2.96 -13.52 21.68
CA ASP B 212 3.91 -12.79 22.52
C ASP B 212 5.01 -12.26 21.62
N TYR B 213 4.99 -10.95 21.38
CA TYR B 213 5.98 -10.37 20.48
C TYR B 213 7.37 -10.38 21.09
N LYS B 214 7.46 -10.26 22.42
CA LYS B 214 8.74 -10.35 23.10
C LYS B 214 9.35 -11.75 22.92
N LEU B 215 8.51 -12.78 22.90
CA LEU B 215 8.99 -14.14 22.76
C LEU B 215 9.38 -14.43 21.32
N ALA B 216 8.58 -13.95 20.36
CA ALA B 216 8.83 -14.13 18.93
C ALA B 216 9.72 -12.99 18.44
N ASP B 217 11.04 -13.23 18.48
CA ASP B 217 12.02 -12.20 18.13
C ASP B 217 11.85 -11.71 16.71
N ASP B 218 12.04 -12.59 15.73
CA ASP B 218 12.27 -12.21 14.36
C ASP B 218 11.10 -12.60 13.48
N ALA B 219 11.27 -12.38 12.17
CA ALA B 219 10.24 -12.69 11.20
C ALA B 219 9.83 -14.16 11.26
N ASP B 220 10.83 -15.06 11.29
CA ASP B 220 10.57 -16.49 11.27
C ASP B 220 9.67 -16.92 12.43
N LYS B 221 10.09 -16.71 13.66
CA LYS B 221 9.27 -17.14 14.77
C LYS B 221 7.89 -16.55 14.69
N MET B 222 7.80 -15.35 14.14
CA MET B 222 6.51 -14.68 14.03
C MET B 222 5.66 -15.26 12.90
N ARG B 223 6.28 -15.84 11.91
CA ARG B 223 5.51 -16.52 10.91
C ARG B 223 4.91 -17.78 11.52
N GLU B 224 5.71 -18.50 12.29
CA GLU B 224 5.24 -19.75 12.89
C GLU B 224 4.04 -19.51 13.79
N ALA B 225 4.09 -18.46 14.62
CA ALA B 225 2.98 -18.14 15.50
C ALA B 225 1.76 -17.67 14.70
N LEU B 226 1.99 -16.88 13.64
CA LEU B 226 0.91 -16.46 12.77
C LEU B 226 0.32 -17.63 11.97
N ARG B 227 1.17 -18.50 11.41
CA ARG B 227 0.69 -19.73 10.78
C ARG B 227 -0.25 -20.49 11.71
N GLU B 228 0.13 -20.60 12.99
CA GLU B 228 -0.75 -21.21 13.98
C GLU B 228 -1.98 -20.33 14.23
N ALA B 229 -1.78 -19.04 14.48
CA ALA B 229 -2.86 -18.18 14.92
C ALA B 229 -3.84 -17.84 13.80
N ALA B 230 -3.37 -17.81 12.55
CA ALA B 230 -4.22 -17.50 11.39
C ALA B 230 -3.85 -18.47 10.28
N PRO B 231 -4.49 -19.66 10.26
CA PRO B 231 -4.14 -20.68 9.26
C PRO B 231 -4.74 -20.47 7.89
N ASP B 232 -5.85 -19.73 7.78
CA ASP B 232 -6.47 -19.37 6.51
C ASP B 232 -5.88 -18.11 5.87
N GLY B 233 -4.73 -17.63 6.34
CA GLY B 233 -4.13 -16.40 5.84
C GLY B 233 -4.75 -15.15 6.44
N VAL B 234 -4.13 -14.01 6.15
CA VAL B 234 -4.54 -12.71 6.68
C VAL B 234 -5.38 -11.99 5.63
N ASP B 235 -6.59 -11.60 6.01
CA ASP B 235 -7.45 -10.78 5.17
C ASP B 235 -7.35 -9.29 5.49
N LYS B 236 -7.22 -8.93 6.77
CA LYS B 236 -6.96 -7.56 7.17
C LYS B 236 -5.80 -7.54 8.16
N TYR B 237 -5.01 -6.48 8.09
CA TYR B 237 -3.90 -6.22 9.00
C TYR B 237 -3.94 -4.75 9.42
N PHE B 238 -4.08 -4.51 10.73
CA PHE B 238 -3.98 -3.17 11.29
C PHE B 238 -2.60 -3.07 11.95
N ASP B 239 -1.67 -2.42 11.27
CA ASP B 239 -0.28 -2.35 11.69
C ASP B 239 -0.01 -1.09 12.52
N SER B 240 0.57 -1.27 13.71
CA SER B 240 1.10 -0.19 14.52
C SER B 240 2.58 -0.38 14.85
N ILE B 241 3.17 -1.49 14.42
CA ILE B 241 4.47 -1.91 14.90
C ILE B 241 5.51 -1.96 13.79
N GLY B 242 5.13 -2.46 12.61
CA GLY B 242 6.05 -2.65 11.51
C GLY B 242 7.13 -3.64 11.90
N GLY B 243 8.30 -3.49 11.27
CA GLY B 243 9.36 -4.41 11.62
C GLY B 243 9.01 -5.84 11.26
N SER B 244 9.45 -6.77 12.10
CA SER B 244 9.46 -8.18 11.74
C SER B 244 8.08 -8.82 11.81
N VAL B 245 7.20 -8.33 12.68
CA VAL B 245 5.82 -8.82 12.68
C VAL B 245 5.16 -8.49 11.34
N THR B 246 5.36 -7.27 10.84
CA THR B 246 4.79 -6.84 9.57
C THR B 246 5.41 -7.60 8.41
N ASP B 247 6.71 -7.87 8.48
CA ASP B 247 7.33 -8.71 7.46
C ASP B 247 6.66 -10.08 7.40
N ALA B 248 6.43 -10.68 8.57
CA ALA B 248 5.74 -11.96 8.60
C ALA B 248 4.38 -11.88 7.92
N VAL B 249 3.55 -10.90 8.31
CA VAL B 249 2.18 -10.85 7.81
C VAL B 249 2.17 -10.75 6.29
N PHE B 250 3.11 -10.03 5.71
CA PHE B 250 3.08 -9.80 4.27
C PHE B 250 3.36 -11.08 3.49
N SER B 251 4.00 -12.07 4.11
CA SER B 251 4.26 -13.36 3.46
C SER B 251 3.02 -14.23 3.33
N MET B 252 1.89 -13.83 3.94
CA MET B 252 0.70 -14.66 4.05
C MET B 252 -0.57 -13.85 3.85
N LEU B 253 -0.50 -12.83 2.99
CA LEU B 253 -1.65 -12.00 2.67
C LEU B 253 -2.57 -12.76 1.71
N ASN B 254 -3.86 -12.72 1.99
CA ASN B 254 -4.84 -13.36 1.11
C ASN B 254 -5.22 -12.43 -0.03
N VAL B 255 -5.91 -13.00 -1.02
CA VAL B 255 -6.39 -12.23 -2.15
C VAL B 255 -7.38 -11.20 -1.66
N GLY B 256 -7.17 -9.94 -2.07
CA GLY B 256 -8.07 -8.86 -1.72
C GLY B 256 -7.85 -8.27 -0.35
N SER B 257 -6.73 -8.61 0.29
CA SER B 257 -6.47 -8.21 1.66
C SER B 257 -6.29 -6.69 1.77
N GLN B 258 -6.52 -6.19 2.97
CA GLN B 258 -6.38 -4.78 3.30
C GLN B 258 -5.42 -4.62 4.46
N VAL B 259 -4.40 -3.79 4.29
CA VAL B 259 -3.47 -3.41 5.34
C VAL B 259 -3.65 -1.92 5.63
N ALA B 260 -3.78 -1.59 6.91
CA ALA B 260 -3.80 -0.20 7.35
C ALA B 260 -2.58 0.05 8.22
N VAL B 261 -1.81 1.08 7.87
CA VAL B 261 -0.57 1.39 8.58
C VAL B 261 -0.86 2.56 9.52
N CYS B 262 -0.84 2.28 10.82
CA CYS B 262 -1.12 3.23 11.88
C CYS B 262 0.15 3.80 12.49
N TRP B 263 1.18 2.97 12.66
CA TRP B 263 2.45 3.41 13.21
C TRP B 263 3.52 2.39 12.80
N GLN B 264 4.78 2.73 13.07
CA GLN B 264 5.89 1.84 12.80
C GLN B 264 6.87 1.89 13.97
N TRP B 265 6.37 1.48 15.14
CA TRP B 265 7.19 1.42 16.36
C TRP B 265 8.60 0.91 16.10
N ALA B 266 8.71 -0.21 15.38
CA ALA B 266 10.02 -0.80 15.11
C ALA B 266 10.96 0.17 14.40
N THR B 267 10.44 1.08 13.59
CA THR B 267 11.31 2.03 12.93
C THR B 267 11.45 3.33 13.72
N GLN B 268 10.34 3.86 14.23
CA GLN B 268 10.39 5.13 14.96
C GLN B 268 11.13 4.98 16.28
N VAL B 269 10.83 3.97 17.07
CA VAL B 269 11.47 3.84 18.37
C VAL B 269 12.69 2.93 18.35
N GLN B 270 12.58 1.77 17.71
CA GLN B 270 13.67 0.79 17.73
C GLN B 270 14.68 1.00 16.60
N ARG B 271 14.50 2.03 15.80
CA ARG B 271 15.44 2.39 14.73
C ARG B 271 15.78 1.32 13.72
N ASP B 272 14.84 0.46 13.40
CA ASP B 272 15.04 -0.57 12.36
C ASP B 272 14.60 0.04 11.02
N TYR B 273 15.56 0.51 10.24
CA TYR B 273 15.22 1.24 9.03
C TYR B 273 15.26 0.38 7.78
N HIS B 274 15.92 -0.77 7.82
CA HIS B 274 16.04 -1.63 6.65
C HIS B 274 15.46 -3.01 6.98
N GLY B 275 15.06 -3.68 5.91
CA GLY B 275 14.36 -4.94 5.98
C GLY B 275 14.05 -5.49 4.59
N PRO B 276 13.39 -6.64 4.56
CA PRO B 276 12.97 -7.20 3.26
C PRO B 276 12.03 -6.24 2.54
N ARG B 277 12.20 -6.15 1.23
CA ARG B 277 11.28 -5.35 0.43
C ARG B 277 9.92 -6.02 0.40
N LEU B 278 8.88 -5.26 0.76
CA LEU B 278 7.54 -5.80 0.96
C LEU B 278 6.65 -5.69 -0.28
N LEU B 279 6.80 -4.65 -1.09
CA LEU B 279 5.98 -4.50 -2.29
C LEU B 279 5.97 -5.74 -3.19
N PRO B 280 7.06 -6.50 -3.37
CA PRO B 280 6.96 -7.74 -4.16
C PRO B 280 5.88 -8.72 -3.70
N TYR B 281 5.40 -8.63 -2.48
CA TYR B 281 4.48 -9.65 -1.95
C TYR B 281 3.03 -9.30 -2.14
N ILE B 282 2.72 -8.12 -2.68
CA ILE B 282 1.35 -7.64 -2.67
C ILE B 282 0.70 -7.70 -4.04
N MET B 283 1.46 -8.00 -5.09
CA MET B 283 0.90 -7.97 -6.45
C MET B 283 -0.10 -9.08 -6.67
N PHE B 284 0.29 -10.32 -6.36
CA PHE B 284 -0.65 -11.41 -6.62
C PHE B 284 -1.84 -11.32 -5.68
N PRO B 285 -1.67 -11.03 -4.38
CA PRO B 285 -2.84 -10.88 -3.50
C PRO B 285 -3.72 -9.72 -3.87
N ARG B 286 -3.26 -8.82 -4.75
CA ARG B 286 -3.91 -7.53 -4.93
C ARG B 286 -4.18 -6.86 -3.59
N ALA B 287 -3.14 -6.77 -2.77
CA ALA B 287 -3.30 -6.16 -1.46
C ALA B 287 -3.47 -4.65 -1.59
N THR B 288 -4.28 -4.07 -0.71
CA THR B 288 -4.37 -2.63 -0.61
C THR B 288 -3.78 -2.19 0.72
N ILE B 289 -2.84 -1.26 0.67
CA ILE B 289 -2.12 -0.77 1.84
C ILE B 289 -2.37 0.73 1.93
N ARG B 290 -3.01 1.17 3.01
CA ARG B 290 -3.33 2.59 3.18
C ARG B 290 -2.69 3.13 4.45
N GLY B 291 -1.93 4.22 4.31
CA GLY B 291 -1.41 4.90 5.48
C GLY B 291 -2.53 5.65 6.21
N ILE B 292 -2.49 5.58 7.54
CA ILE B 292 -3.50 6.20 8.38
C ILE B 292 -2.95 7.49 8.96
N PHE B 293 -3.77 8.52 8.96
CA PHE B 293 -3.41 9.77 9.58
C PHE B 293 -4.72 10.43 9.99
N SER B 294 -5.23 9.97 11.13
CA SER B 294 -6.61 10.25 11.54
C SER B 294 -6.92 11.74 11.68
N LEU B 295 -5.92 12.62 11.67
CA LEU B 295 -6.21 14.05 11.67
C LEU B 295 -7.17 14.44 10.54
N GLU B 296 -7.21 13.68 9.44
CA GLU B 296 -8.09 14.04 8.35
C GLU B 296 -9.55 13.80 8.68
N TRP B 297 -9.84 13.04 9.73
CA TRP B 297 -11.21 12.75 10.14
C TRP B 297 -11.72 13.67 11.25
N PHE B 298 -10.88 14.56 11.78
CA PHE B 298 -11.28 15.48 12.85
C PHE B 298 -12.22 16.51 12.25
N THR B 299 -13.45 16.09 12.00
CA THR B 299 -14.49 16.95 11.43
C THR B 299 -15.70 16.90 12.35
N GLU B 300 -16.45 18.01 12.37
CA GLU B 300 -17.65 18.06 13.21
C GLU B 300 -18.58 16.87 12.94
N GLN B 301 -18.89 16.63 11.67
CA GLN B 301 -19.81 15.53 11.39
C GLN B 301 -19.22 14.20 11.82
N ASN B 302 -17.90 14.03 11.74
CA ASN B 302 -17.33 12.74 12.11
C ASN B 302 -17.34 12.53 13.63
N TRP B 303 -17.21 13.61 14.41
CA TRP B 303 -17.30 13.45 15.86
C TRP B 303 -18.70 12.99 16.27
N SER B 304 -19.73 13.71 15.79
CA SER B 304 -21.13 13.30 15.99
C SER B 304 -21.31 11.83 15.71
N ALA B 305 -20.82 11.37 14.55
CA ALA B 305 -20.96 9.97 14.20
C ALA B 305 -20.23 9.07 15.19
N LEU B 306 -19.03 9.47 15.64
CA LEU B 306 -18.30 8.67 16.62
C LEU B 306 -19.08 8.55 17.92
N HIS B 307 -19.73 9.59 18.35
CA HIS B 307 -20.51 9.49 19.56
C HIS B 307 -21.66 8.52 19.35
N GLU B 308 -22.53 8.82 18.41
CA GLU B 308 -23.66 7.93 18.11
C GLU B 308 -23.23 6.47 18.03
N GLU B 309 -22.26 6.17 17.16
CA GLU B 309 -21.95 4.77 16.91
C GLU B 309 -21.22 4.14 18.08
N LEU B 310 -20.19 4.81 18.60
CA LEU B 310 -19.39 4.19 19.65
C LEU B 310 -19.94 4.48 21.05
N GLY B 311 -20.59 5.63 21.23
CA GLY B 311 -21.04 6.01 22.57
C GLY B 311 -21.95 4.97 23.20
N GLY B 312 -22.96 4.53 22.44
CA GLY B 312 -23.86 3.49 22.91
C GLY B 312 -23.16 2.24 23.36
N LEU B 313 -22.46 1.58 22.43
CA LEU B 313 -21.83 0.31 22.73
C LEU B 313 -20.89 0.41 23.92
N VAL B 314 -20.22 1.54 24.07
CA VAL B 314 -19.24 1.70 25.15
C VAL B 314 -19.93 1.73 26.51
N ARG B 315 -20.99 2.56 26.62
CA ARG B 315 -21.68 2.71 27.90
C ARG B 315 -22.31 1.40 28.36
N ARG B 316 -22.95 0.66 27.43
CA ARG B 316 -23.51 -0.65 27.75
C ARG B 316 -22.46 -1.66 28.18
N GLN B 317 -21.18 -1.38 27.95
CA GLN B 317 -20.04 -2.26 28.18
C GLN B 317 -20.01 -3.45 27.23
N GLU B 318 -20.74 -3.35 26.11
CA GLU B 318 -20.54 -4.20 24.93
C GLU B 318 -19.12 -4.04 24.41
N LEU B 319 -18.84 -2.81 23.95
CA LEU B 319 -17.50 -2.45 23.51
C LEU B 319 -16.80 -1.90 24.72
N VAL B 320 -15.61 -2.40 25.01
CA VAL B 320 -14.89 -2.06 26.24
C VAL B 320 -13.81 -1.01 25.92
N ALA B 321 -13.90 0.15 26.57
CA ALA B 321 -12.97 1.27 26.39
C ALA B 321 -12.37 1.66 27.75
N HIS B 322 -11.25 1.02 28.10
CA HIS B 322 -10.61 1.23 29.37
C HIS B 322 -9.70 2.47 29.34
N GLU B 323 -9.41 3.00 30.52
CA GLU B 323 -8.44 4.07 30.68
C GLU B 323 -7.65 3.88 31.96
N THR B 324 -6.41 4.37 31.94
CA THR B 324 -5.51 4.37 33.09
C THR B 324 -5.14 5.81 33.36
N VAL B 325 -5.84 6.46 34.28
CA VAL B 325 -5.61 7.88 34.60
C VAL B 325 -4.66 7.99 35.80
N GLN B 326 -3.42 8.37 35.54
CA GLN B 326 -2.49 8.73 36.60
C GLN B 326 -2.83 10.12 37.16
N ASP B 327 -2.48 10.35 38.42
CA ASP B 327 -2.75 11.62 39.10
C ASP B 327 -1.47 12.44 39.29
N GLY B 328 -1.55 13.74 39.02
CA GLY B 328 -0.45 14.61 39.36
C GLY B 328 0.44 15.08 38.22
N PHE B 329 0.49 16.40 38.06
CA PHE B 329 1.24 17.01 36.96
C PHE B 329 2.72 16.64 36.98
N GLU B 330 3.29 16.43 38.15
CA GLU B 330 4.72 16.12 38.24
C GLU B 330 5.03 14.70 37.80
N HIS B 331 4.00 13.89 37.55
CA HIS B 331 4.17 12.51 37.18
C HIS B 331 3.98 12.27 35.70
N ILE B 332 3.69 13.31 34.92
CA ILE B 332 3.48 13.13 33.48
C ILE B 332 4.62 12.41 32.80
N PRO B 333 5.90 12.81 32.97
CA PRO B 333 6.95 12.06 32.26
C PRO B 333 7.09 10.61 32.72
N ALA B 334 6.80 10.32 33.99
CA ALA B 334 6.92 8.91 34.43
C ALA B 334 5.77 8.08 33.88
N ALA B 335 4.57 8.67 33.82
CA ALA B 335 3.45 8.01 33.16
C ALA B 335 3.76 7.72 31.70
N TYR B 336 4.31 8.73 31.00
CA TYR B 336 4.74 8.53 29.62
C TYR B 336 5.81 7.46 29.51
N GLN B 337 6.68 7.36 30.52
CA GLN B 337 7.78 6.38 30.46
C GLN B 337 7.25 4.96 30.51
N THR B 338 6.10 4.73 31.18
CA THR B 338 5.63 3.36 31.31
C THR B 338 5.29 2.75 29.95
N LEU B 339 4.85 3.56 28.99
CA LEU B 339 4.48 3.02 27.68
C LEU B 339 5.63 2.26 27.04
N PHE B 340 6.87 2.56 27.42
CA PHE B 340 8.02 1.92 26.82
C PHE B 340 8.70 0.92 27.74
N SER B 341 8.44 0.99 29.05
CA SER B 341 9.25 0.27 30.03
C SER B 341 8.41 -0.57 30.99
N ALA B 342 7.25 -0.06 31.43
CA ALA B 342 6.43 -0.72 32.43
C ALA B 342 4.96 -0.63 32.03
N SER B 343 4.63 -1.16 30.85
CA SER B 343 3.23 -1.14 30.38
C SER B 343 2.43 -2.34 30.87
N GLU B 344 3.08 -3.32 31.48
CA GLU B 344 2.41 -4.50 31.97
C GLU B 344 1.19 -4.21 32.79
N SER B 345 1.19 -3.07 33.45
CA SER B 345 0.08 -2.72 34.31
C SER B 345 -0.99 -1.88 33.61
N ASN B 346 -0.66 -1.25 32.48
CA ASN B 346 -1.57 -0.30 31.85
C ASN B 346 -2.73 -0.99 31.17
N ARG B 347 -3.83 -0.26 31.05
CA ARG B 347 -5.04 -0.80 30.46
C ARG B 347 -5.71 0.30 29.67
N GLY B 348 -5.64 0.21 28.37
CA GLY B 348 -6.20 1.20 27.47
C GLY B 348 -5.39 2.48 27.42
N LYS B 349 -6.11 3.59 27.38
CA LYS B 349 -5.54 4.92 27.22
C LYS B 349 -4.89 5.37 28.53
N VAL B 350 -3.57 5.57 28.52
CA VAL B 350 -2.89 6.19 29.65
C VAL B 350 -3.05 7.71 29.57
N LEU B 351 -3.58 8.28 30.63
CA LEU B 351 -3.74 9.69 30.69
C LEU B 351 -3.21 10.16 32.02
N VAL B 352 -3.17 11.47 32.21
CA VAL B 352 -2.76 12.00 33.51
C VAL B 352 -3.71 13.11 33.92
N ARG B 353 -4.30 12.98 35.09
CA ARG B 353 -5.15 14.02 35.61
C ARG B 353 -4.33 15.04 36.35
N VAL B 354 -4.48 16.30 35.97
CA VAL B 354 -3.69 17.33 36.55
C VAL B 354 -4.50 18.07 37.59
#